data_5W3V
#
_entry.id   5W3V
#
_cell.length_a   87.960
_cell.length_b   89.310
_cell.length_c   134.370
_cell.angle_alpha   90.00
_cell.angle_beta   90.00
_cell.angle_gamma   90.00
#
_symmetry.space_group_name_H-M   'P 2 21 21'
#
loop_
_entity.id
_entity.type
_entity.pdbx_description
1 polymer Apobec3H
2 polymer Apobec3H
3 polymer "RNA (5'-R(P*AP*AP*CP*CP*CP*GP*GP*GP*GP*A)-3')"
4 polymer "RNA (5'-R(P*AP*AP*CP*CP*CP*CP*GP*GP*GP*C)-3')"
5 non-polymer 'ZINC ION'
6 water water
#
loop_
_entity_poly.entity_id
_entity_poly.type
_entity_poly.pdbx_seq_one_letter_code
_entity_poly.pdbx_strand_id
1 'polypeptide(L)'
;SNAALLTAKTFSLQFNNKRRVNKPYYPRKALLCYQLTPQNGSTPTRGHLINKKEDHAEIRFINEIKSMGLDETQCYQVTC
YLTWSPCPSCAGELVDFIKAHRHLNLRIFASRLYYHWHPNYQEGLLLLCGSQVPVEVMGLPEFTDCWENFVDHKEPPSFN
PSEKLKELDKNSQAIKRRLERIKSRSVDVLENGLRSLQLGPVTPSSSIRNSRGGR
;
A
2 'polypeptide(L)'
;SNAALLTAKTFSLQFNNKRRVNKPYYPRKALLCYQLTPQNGSTPTRGHLINKKEDHAEIRFINEIKSMGLDETQ(CSD)Y
QVTCYLTWSPCPSCAGELVDFIKAHRHLNLRIFASRLYYHWHPNYQEGLLLLCGSQVPVEVMGLPEFTDCWENFVDHKEP
PSFNPSEKLKELDKNSQAIKRRLERIKSRSVDVLENGLRSLQLGPVTPSSSIRNSRGGR
;
B,C,D
3 'polyribonucleotide' AACCCGGGGA E,H
4 'polyribonucleotide' AACCCCGGGC F,G
#
loop_
_chem_comp.id
_chem_comp.type
_chem_comp.name
_chem_comp.formula
A RNA linking ADENOSINE-5'-MONOPHOSPHATE 'C10 H14 N5 O7 P'
C RNA linking CYTIDINE-5'-MONOPHOSPHATE 'C9 H14 N3 O8 P'
G RNA linking GUANOSINE-5'-MONOPHOSPHATE 'C10 H14 N5 O8 P'
ZN non-polymer 'ZINC ION' 'Zn 2'
#
# COMPACT_ATOMS: atom_id res chain seq x y z
N ALA A 3 -4.54 -34.78 -26.26
CA ALA A 3 -3.96 -33.89 -25.26
C ALA A 3 -2.89 -32.99 -25.88
N ALA A 4 -3.17 -32.54 -27.11
CA ALA A 4 -2.25 -31.66 -27.82
C ALA A 4 -2.33 -30.23 -27.27
N LEU A 5 -3.54 -29.68 -27.22
CA LEU A 5 -3.77 -28.31 -26.78
C LEU A 5 -4.36 -28.27 -25.37
N LEU A 6 -4.13 -27.15 -24.70
CA LEU A 6 -4.67 -26.95 -23.36
C LEU A 6 -6.16 -26.62 -23.43
N THR A 7 -6.89 -27.05 -22.39
CA THR A 7 -8.25 -26.58 -22.25
C THR A 7 -8.26 -25.15 -21.74
N ALA A 8 -9.35 -24.43 -22.05
CA ALA A 8 -9.47 -23.06 -21.57
C ALA A 8 -9.46 -22.99 -20.05
N LYS A 9 -10.00 -24.01 -19.38
CA LYS A 9 -9.98 -24.04 -17.93
C LYS A 9 -8.56 -24.20 -17.40
N THR A 10 -7.76 -25.08 -18.04
CA THR A 10 -6.39 -25.27 -17.61
C THR A 10 -5.57 -24.00 -17.79
N PHE A 11 -5.81 -23.27 -18.88
CA PHE A 11 -5.13 -22.00 -19.09
C PHE A 11 -5.44 -21.02 -17.96
N SER A 12 -6.72 -20.85 -17.64
CA SER A 12 -7.12 -19.90 -16.61
C SER A 12 -6.54 -20.29 -15.24
N LEU A 13 -6.62 -21.58 -14.89
CA LEU A 13 -6.20 -22.00 -13.55
C LEU A 13 -4.68 -21.99 -13.40
N GLN A 14 -3.96 -22.46 -14.42
CA GLN A 14 -2.52 -22.65 -14.26
C GLN A 14 -1.73 -21.37 -14.52
N PHE A 15 -2.19 -20.50 -15.42
CA PHE A 15 -1.51 -19.25 -15.64
C PHE A 15 -1.94 -18.14 -14.68
N ASN A 16 -2.92 -18.42 -13.82
CA ASN A 16 -3.40 -17.51 -12.78
C ASN A 16 -2.22 -16.91 -12.02
N ASN A 17 -2.01 -15.60 -12.15
CA ASN A 17 -0.85 -14.94 -11.58
C ASN A 17 -1.20 -14.04 -10.41
N LYS A 18 -2.33 -14.31 -9.74
CA LYS A 18 -2.58 -13.64 -8.48
C LYS A 18 -1.54 -14.08 -7.45
N ARG A 19 -1.28 -13.20 -6.47
CA ARG A 19 -0.31 -13.53 -5.43
C ARG A 19 -0.74 -14.77 -4.65
N ARG A 20 -2.04 -15.01 -4.53
CA ARG A 20 -2.54 -16.07 -3.66
C ARG A 20 -3.73 -16.75 -4.33
N VAL A 21 -3.70 -18.08 -4.35
CA VAL A 21 -4.83 -18.83 -4.91
C VAL A 21 -6.06 -18.60 -4.04
N ASN A 22 -7.20 -18.40 -4.69
CA ASN A 22 -8.46 -18.22 -3.97
C ASN A 22 -9.13 -19.55 -3.68
N LYS A 23 -10.08 -19.51 -2.77
CA LYS A 23 -10.92 -20.66 -2.44
C LYS A 23 -11.92 -20.92 -3.56
N PRO A 24 -12.15 -22.18 -3.91
CA PRO A 24 -11.49 -23.38 -3.37
C PRO A 24 -10.08 -23.56 -3.92
N TYR A 25 -9.17 -24.02 -3.06
CA TYR A 25 -7.76 -24.06 -3.41
C TYR A 25 -7.44 -25.23 -4.34
N TYR A 26 -6.47 -25.02 -5.21
CA TYR A 26 -6.02 -25.99 -6.20
C TYR A 26 -4.54 -25.76 -6.43
N PRO A 27 -3.79 -26.80 -6.82
CA PRO A 27 -2.34 -26.62 -7.03
C PRO A 27 -2.06 -25.88 -8.33
N ARG A 28 -1.21 -24.86 -8.24
CA ARG A 28 -0.69 -24.19 -9.43
C ARG A 28 0.60 -24.88 -9.81
N LYS A 29 0.50 -25.82 -10.75
CA LYS A 29 1.62 -26.66 -11.14
C LYS A 29 2.55 -25.93 -12.10
N ALA A 30 3.74 -26.49 -12.27
CA ALA A 30 4.67 -25.96 -13.25
C ALA A 30 4.17 -26.34 -14.65
N LEU A 31 3.88 -25.35 -15.47
CA LEU A 31 3.45 -25.57 -16.84
C LEU A 31 4.39 -24.81 -17.77
N LEU A 32 4.85 -25.49 -18.82
CA LEU A 32 5.78 -24.90 -19.77
C LEU A 32 5.18 -25.02 -21.15
N CYS A 33 4.97 -23.88 -21.82
CA CYS A 33 4.55 -23.85 -23.20
C CYS A 33 5.72 -23.31 -24.03
N TYR A 34 6.16 -24.08 -25.01
CA TYR A 34 7.30 -23.73 -25.83
C TYR A 34 6.90 -23.62 -27.30
N GLN A 35 7.61 -22.75 -28.01
CA GLN A 35 7.40 -22.54 -29.44
C GLN A 35 8.74 -22.50 -30.14
N LEU A 36 8.93 -23.42 -31.11
CA LEU A 36 10.17 -23.53 -31.87
C LEU A 36 9.94 -22.94 -33.25
N THR A 37 10.62 -21.84 -33.56
CA THR A 37 10.43 -21.13 -34.82
C THR A 37 11.73 -21.13 -35.61
N PRO A 38 11.86 -21.91 -36.68
CA PRO A 38 13.08 -21.86 -37.47
C PRO A 38 13.22 -20.54 -38.21
N GLN A 39 14.47 -20.11 -38.41
CA GLN A 39 14.71 -18.82 -39.04
C GLN A 39 14.39 -18.87 -40.53
N ASN A 40 14.57 -20.02 -41.18
CA ASN A 40 14.31 -20.13 -42.61
C ASN A 40 12.82 -20.07 -42.95
N GLY A 41 11.94 -20.07 -41.96
CA GLY A 41 10.53 -19.96 -42.19
C GLY A 41 9.73 -21.25 -42.20
N SER A 42 10.27 -22.34 -41.68
CA SER A 42 9.52 -23.58 -41.63
C SER A 42 8.34 -23.47 -40.66
N THR A 43 7.50 -24.49 -40.68
CA THR A 43 6.32 -24.52 -39.81
C THR A 43 6.74 -24.59 -38.34
N PRO A 44 6.34 -23.64 -37.50
CA PRO A 44 6.73 -23.70 -36.10
C PRO A 44 6.08 -24.88 -35.39
N THR A 45 6.84 -25.50 -34.49
CA THR A 45 6.34 -26.60 -33.67
C THR A 45 6.05 -26.09 -32.27
N ARG A 46 4.90 -26.48 -31.72
CA ARG A 46 4.49 -26.04 -30.40
C ARG A 46 4.15 -27.25 -29.54
N GLY A 47 4.27 -27.08 -28.23
CA GLY A 47 3.94 -28.13 -27.29
C GLY A 47 4.02 -27.60 -25.88
N HIS A 48 3.48 -28.40 -24.95
CA HIS A 48 3.50 -28.02 -23.55
C HIS A 48 3.78 -29.24 -22.68
N LEU A 49 4.35 -28.99 -21.51
CA LEU A 49 4.62 -30.03 -20.54
C LEU A 49 4.19 -29.50 -19.17
N ILE A 50 3.55 -30.36 -18.39
CA ILE A 50 3.04 -29.98 -17.08
C ILE A 50 3.46 -31.03 -16.06
N ASN A 51 3.76 -30.58 -14.85
CA ASN A 51 4.04 -31.45 -13.71
C ASN A 51 3.99 -30.61 -12.45
N LYS A 52 4.12 -31.27 -11.30
CA LYS A 52 4.14 -30.56 -10.03
C LYS A 52 5.26 -29.54 -10.01
N LYS A 53 5.06 -28.44 -9.28
CA LYS A 53 6.07 -27.39 -9.21
C LYS A 53 7.37 -27.86 -8.58
N GLU A 54 7.30 -28.91 -7.74
CA GLU A 54 8.52 -29.45 -7.15
C GLU A 54 9.35 -30.19 -8.18
N ASP A 55 8.73 -30.74 -9.22
CA ASP A 55 9.45 -31.39 -10.29
C ASP A 55 10.10 -30.34 -11.18
N HIS A 56 10.58 -30.74 -12.36
CA HIS A 56 11.46 -29.88 -13.16
C HIS A 56 11.03 -29.95 -14.63
N ALA A 57 10.05 -29.12 -14.99
CA ALA A 57 9.56 -29.11 -16.36
C ALA A 57 10.62 -28.64 -17.34
N GLU A 58 11.57 -27.82 -16.87
CA GLU A 58 12.62 -27.32 -17.76
C GLU A 58 13.53 -28.46 -18.21
N ILE A 59 13.81 -29.41 -17.33
CA ILE A 59 14.62 -30.57 -17.72
C ILE A 59 13.87 -31.41 -18.75
N ARG A 60 12.57 -31.61 -18.54
CA ARG A 60 11.75 -32.30 -19.54
C ARG A 60 11.77 -31.55 -20.87
N PHE A 61 11.76 -30.22 -20.81
CA PHE A 61 11.82 -29.41 -22.03
C PHE A 61 13.14 -29.60 -22.76
N ILE A 62 14.24 -29.67 -22.01
CA ILE A 62 15.55 -29.90 -22.63
C ILE A 62 15.58 -31.24 -23.36
N ASN A 63 15.09 -32.29 -22.69
CA ASN A 63 15.09 -33.61 -23.32
C ASN A 63 14.12 -33.68 -24.49
N GLU A 64 13.03 -32.90 -24.45
CA GLU A 64 12.13 -32.88 -25.58
C GLU A 64 12.77 -32.22 -26.80
N ILE A 65 13.54 -31.15 -26.58
CA ILE A 65 14.26 -30.52 -27.68
C ILE A 65 15.26 -31.49 -28.29
N LYS A 66 16.02 -32.19 -27.43
CA LYS A 66 16.99 -33.16 -27.91
C LYS A 66 16.32 -34.28 -28.69
N SER A 67 15.10 -34.67 -28.30
CA SER A 67 14.40 -35.75 -28.97
C SER A 67 13.91 -35.38 -30.37
N MET A 68 13.89 -34.08 -30.71
CA MET A 68 13.47 -33.68 -32.04
C MET A 68 14.55 -33.91 -33.10
N GLY A 69 15.80 -34.09 -32.69
CA GLY A 69 16.88 -34.27 -33.64
C GLY A 69 17.00 -33.11 -34.60
N LEU A 70 17.04 -31.90 -34.05
CA LEU A 70 17.07 -30.70 -34.89
C LEU A 70 18.32 -30.64 -35.74
N ASP A 71 18.18 -30.04 -36.92
CA ASP A 71 19.31 -29.75 -37.79
C ASP A 71 20.14 -28.63 -37.17
N GLU A 72 21.36 -28.95 -36.74
CA GLU A 72 22.19 -27.97 -36.06
C GLU A 72 22.81 -26.96 -37.01
N THR A 73 22.64 -27.13 -38.33
CA THR A 73 23.08 -26.13 -39.27
C THR A 73 22.06 -25.01 -39.46
N GLN A 74 20.85 -25.19 -38.93
CA GLN A 74 19.82 -24.17 -38.96
C GLN A 74 19.88 -23.34 -37.69
N CYS A 75 19.21 -22.18 -37.73
CA CYS A 75 19.07 -21.32 -36.56
C CYS A 75 17.63 -21.34 -36.10
N TYR A 76 17.42 -21.50 -34.80
CA TYR A 76 16.09 -21.60 -34.23
C TYR A 76 15.89 -20.56 -33.14
N GLN A 77 14.71 -19.96 -33.12
CA GLN A 77 14.27 -19.06 -32.06
C GLN A 77 13.24 -19.80 -31.22
N VAL A 78 13.53 -19.94 -29.93
CA VAL A 78 12.69 -20.70 -29.01
C VAL A 78 12.11 -19.75 -27.98
N THR A 79 10.79 -19.74 -27.85
CA THR A 79 10.08 -18.95 -26.86
C THR A 79 9.40 -19.90 -25.88
N CYS A 80 9.66 -19.69 -24.60
N CYS A 80 9.61 -19.66 -24.59
CA CYS A 80 9.11 -20.54 -23.54
CA CYS A 80 9.14 -20.55 -23.53
C CYS A 80 8.24 -19.70 -22.63
C CYS A 80 8.27 -19.75 -22.55
N TYR A 81 7.01 -20.15 -22.43
CA TYR A 81 6.07 -19.52 -21.51
C TYR A 81 5.95 -20.42 -20.27
N LEU A 82 6.39 -19.91 -19.14
CA LEU A 82 6.38 -20.63 -17.87
C LEU A 82 5.35 -20.03 -16.93
N THR A 83 4.63 -20.90 -16.22
CA THR A 83 3.77 -20.42 -15.14
C THR A 83 4.59 -20.06 -13.91
N TRP A 84 5.58 -20.89 -13.58
CA TRP A 84 6.57 -20.59 -12.56
C TRP A 84 7.93 -20.38 -13.21
N SER A 85 8.64 -19.34 -12.78
CA SER A 85 10.01 -19.13 -13.23
C SER A 85 10.92 -20.27 -12.75
N PRO A 86 12.05 -20.47 -13.40
CA PRO A 86 12.87 -21.67 -13.11
C PRO A 86 13.52 -21.63 -11.74
N CYS A 87 13.75 -22.82 -11.20
CA CYS A 87 14.56 -23.00 -10.00
C CYS A 87 16.04 -22.81 -10.36
N PRO A 88 16.92 -22.66 -9.36
CA PRO A 88 18.34 -22.40 -9.69
C PRO A 88 19.01 -23.54 -10.45
N SER A 89 18.71 -24.79 -10.14
CA SER A 89 19.36 -25.90 -10.84
C SER A 89 18.90 -25.98 -12.29
N CYS A 90 17.62 -25.77 -12.54
CA CYS A 90 17.12 -25.76 -13.92
C CYS A 90 17.69 -24.57 -14.70
N ALA A 91 17.89 -23.43 -14.02
CA ALA A 91 18.51 -22.29 -14.67
C ALA A 91 19.91 -22.63 -15.15
N GLY A 92 20.69 -23.31 -14.32
CA GLY A 92 22.03 -23.73 -14.73
C GLY A 92 21.99 -24.75 -15.85
N GLU A 93 21.02 -25.66 -15.83
CA GLU A 93 20.90 -26.66 -16.89
C GLU A 93 20.51 -26.01 -18.21
N LEU A 94 19.61 -25.03 -18.16
CA LEU A 94 19.22 -24.31 -19.37
C LEU A 94 20.40 -23.56 -19.97
N VAL A 95 21.23 -22.95 -19.12
CA VAL A 95 22.41 -22.23 -19.60
C VAL A 95 23.39 -23.20 -20.26
N ASP A 96 23.70 -24.31 -19.59
CA ASP A 96 24.62 -25.30 -20.15
C ASP A 96 24.08 -25.86 -21.45
N PHE A 97 22.77 -26.07 -21.53
CA PHE A 97 22.18 -26.61 -22.75
C PHE A 97 22.28 -25.61 -23.89
N ILE A 98 22.00 -24.34 -23.62
CA ILE A 98 21.99 -23.34 -24.69
C ILE A 98 23.42 -23.04 -25.12
N LYS A 99 24.38 -23.07 -24.19
CA LYS A 99 25.78 -22.83 -24.53
C LYS A 99 26.34 -23.95 -25.39
N ALA A 100 25.88 -25.18 -25.21
CA ALA A 100 26.32 -26.30 -26.04
C ALA A 100 25.54 -26.40 -27.35
N HIS A 101 24.40 -25.71 -27.45
CA HIS A 101 23.54 -25.75 -28.64
C HIS A 101 23.32 -24.32 -29.11
N ARG A 102 24.38 -23.72 -29.67
CA ARG A 102 24.34 -22.31 -30.04
C ARG A 102 23.43 -22.03 -31.24
N HIS A 103 22.90 -23.08 -31.89
CA HIS A 103 21.90 -22.89 -32.95
C HIS A 103 20.53 -22.57 -32.41
N LEU A 104 20.37 -22.49 -31.10
CA LEU A 104 19.09 -22.17 -30.47
C LEU A 104 19.18 -20.81 -29.79
N ASN A 105 18.14 -20.00 -29.96
CA ASN A 105 17.99 -18.74 -29.24
C ASN A 105 16.77 -18.86 -28.36
N LEU A 106 16.97 -18.70 -27.04
CA LEU A 106 15.94 -18.99 -26.06
C LEU A 106 15.49 -17.72 -25.35
N ARG A 107 14.18 -17.50 -25.34
CA ARG A 107 13.56 -16.44 -24.55
C ARG A 107 12.59 -17.08 -23.56
N ILE A 108 12.58 -16.59 -22.34
CA ILE A 108 11.74 -17.13 -21.28
C ILE A 108 10.79 -16.04 -20.79
N PHE A 109 9.50 -16.34 -20.80
CA PHE A 109 8.47 -15.49 -20.22
C PHE A 109 7.81 -16.26 -19.08
N ALA A 110 7.73 -15.65 -17.90
CA ALA A 110 7.17 -16.29 -16.72
C ALA A 110 5.92 -15.56 -16.27
N SER A 111 4.89 -16.32 -15.91
CA SER A 111 3.69 -15.73 -15.34
C SER A 111 3.94 -15.30 -13.90
N ARG A 112 4.54 -16.17 -13.09
CA ARG A 112 4.86 -15.89 -11.71
C ARG A 112 6.34 -16.11 -11.48
N LEU A 113 6.88 -15.39 -10.48
CA LEU A 113 8.29 -15.46 -10.14
C LEU A 113 8.45 -16.42 -8.96
N TYR A 114 9.08 -17.57 -9.22
CA TYR A 114 9.16 -18.67 -8.27
C TYR A 114 10.20 -18.34 -7.20
N TYR A 115 9.74 -18.17 -5.96
CA TYR A 115 10.60 -17.84 -4.82
C TYR A 115 11.48 -16.63 -5.13
N HIS A 116 10.86 -15.57 -5.65
CA HIS A 116 11.59 -14.37 -6.04
C HIS A 116 12.20 -13.63 -4.86
N TRP A 117 11.80 -13.95 -3.63
CA TRP A 117 12.40 -13.37 -2.44
C TRP A 117 13.65 -14.11 -1.96
N HIS A 118 13.91 -15.30 -2.52
CA HIS A 118 15.04 -16.14 -2.12
C HIS A 118 16.26 -15.81 -2.97
N PRO A 119 17.42 -15.54 -2.36
CA PRO A 119 18.57 -15.09 -3.15
C PRO A 119 19.06 -16.09 -4.19
N ASN A 120 19.00 -17.38 -3.89
CA ASN A 120 19.47 -18.37 -4.87
C ASN A 120 18.57 -18.40 -6.10
N TYR A 121 17.26 -18.24 -5.91
CA TYR A 121 16.36 -18.20 -7.05
C TYR A 121 16.56 -16.92 -7.86
N GLN A 122 16.85 -15.82 -7.19
CA GLN A 122 17.17 -14.58 -7.89
C GLN A 122 18.43 -14.73 -8.73
N GLU A 123 19.47 -15.37 -8.15
CA GLU A 123 20.72 -15.59 -8.88
C GLU A 123 20.49 -16.46 -10.11
N GLY A 124 19.59 -17.42 -10.02
CA GLY A 124 19.28 -18.25 -11.18
C GLY A 124 18.72 -17.44 -12.34
N LEU A 125 17.79 -16.54 -12.05
CA LEU A 125 17.22 -15.70 -13.10
C LEU A 125 18.27 -14.76 -13.68
N LEU A 126 19.14 -14.22 -12.82
CA LEU A 126 20.23 -13.36 -13.31
C LEU A 126 21.25 -14.15 -14.13
N LEU A 127 21.47 -15.41 -13.78
CA LEU A 127 22.37 -16.25 -14.56
C LEU A 127 21.85 -16.45 -15.98
N LEU A 128 20.53 -16.66 -16.11
CA LEU A 128 19.94 -16.83 -17.43
C LEU A 128 20.07 -15.56 -18.27
N CYS A 129 19.72 -14.41 -17.68
CA CYS A 129 19.80 -13.16 -18.42
C CYS A 129 21.23 -12.84 -18.84
N GLY A 130 22.20 -13.13 -17.98
CA GLY A 130 23.60 -12.91 -18.31
C GLY A 130 24.19 -13.92 -19.27
N SER A 131 23.42 -14.95 -19.64
CA SER A 131 23.88 -15.99 -20.56
C SER A 131 23.07 -16.00 -21.84
N GLN A 132 22.58 -14.83 -22.26
CA GLN A 132 21.83 -14.67 -23.51
C GLN A 132 20.51 -15.43 -23.49
N VAL A 133 19.94 -15.63 -22.31
CA VAL A 133 18.59 -16.20 -22.18
C VAL A 133 17.72 -15.16 -21.49
N PRO A 134 17.11 -14.24 -22.23
CA PRO A 134 16.32 -13.18 -21.59
C PRO A 134 15.14 -13.75 -20.81
N VAL A 135 14.96 -13.27 -19.59
CA VAL A 135 13.84 -13.64 -18.73
C VAL A 135 12.99 -12.39 -18.50
N GLU A 136 11.71 -12.49 -18.84
CA GLU A 136 10.76 -11.41 -18.64
C GLU A 136 9.48 -11.96 -18.04
N VAL A 137 8.67 -11.06 -17.48
CA VAL A 137 7.37 -11.41 -16.93
C VAL A 137 6.32 -11.31 -18.03
N MET A 138 5.41 -12.29 -18.06
CA MET A 138 4.35 -12.30 -19.05
C MET A 138 3.40 -11.11 -18.85
N GLY A 139 3.11 -10.41 -19.94
CA GLY A 139 2.13 -9.34 -19.92
C GLY A 139 0.99 -9.63 -20.87
N LEU A 140 0.21 -8.60 -21.23
CA LEU A 140 -0.91 -8.82 -22.14
C LEU A 140 -0.51 -9.44 -23.47
N PRO A 141 0.56 -9.01 -24.15
CA PRO A 141 0.90 -9.67 -25.41
C PRO A 141 1.25 -11.15 -25.25
N GLU A 142 1.98 -11.50 -24.18
CA GLU A 142 2.38 -12.89 -23.99
C GLU A 142 1.19 -13.76 -23.60
N PHE A 143 0.35 -13.27 -22.69
CA PHE A 143 -0.86 -14.03 -22.33
C PHE A 143 -1.76 -14.23 -23.52
N THR A 144 -1.87 -13.22 -24.39
CA THR A 144 -2.72 -13.35 -25.57
C THR A 144 -2.12 -14.34 -26.57
N ASP A 145 -0.80 -14.26 -26.80
CA ASP A 145 -0.15 -15.19 -27.72
C ASP A 145 -0.27 -16.63 -27.22
N CYS A 146 -0.26 -16.84 -25.91
N CYS A 146 -0.22 -16.84 -25.90
CA CYS A 146 -0.39 -18.19 -25.38
CA CYS A 146 -0.42 -18.17 -25.36
C CYS A 146 -1.82 -18.70 -25.50
C CYS A 146 -1.82 -18.67 -25.61
N TRP A 147 -2.81 -17.82 -25.33
CA TRP A 147 -4.21 -18.21 -25.45
C TRP A 147 -4.53 -18.63 -26.89
N GLU A 148 -3.94 -17.93 -27.86
CA GLU A 148 -4.25 -18.20 -29.27
C GLU A 148 -3.57 -19.47 -29.78
N ASN A 149 -2.37 -19.79 -29.30
CA ASN A 149 -1.58 -20.86 -29.89
C ASN A 149 -1.57 -22.16 -29.09
N PHE A 150 -1.95 -22.14 -27.81
CA PHE A 150 -1.84 -23.32 -26.97
C PHE A 150 -3.16 -23.79 -26.38
N VAL A 151 -4.26 -23.08 -26.64
CA VAL A 151 -5.56 -23.41 -26.06
C VAL A 151 -6.47 -23.98 -27.14
N ASP A 152 -7.31 -24.93 -26.75
CA ASP A 152 -8.30 -25.50 -27.64
C ASP A 152 -9.45 -24.50 -27.79
N HIS A 153 -9.71 -24.08 -29.03
CA HIS A 153 -10.73 -23.09 -29.32
C HIS A 153 -11.98 -23.70 -29.97
N LYS A 154 -12.03 -25.02 -30.13
CA LYS A 154 -13.22 -25.64 -30.71
C LYS A 154 -14.42 -25.45 -29.81
N GLU A 155 -14.23 -25.53 -28.49
CA GLU A 155 -15.28 -25.32 -27.52
C GLU A 155 -15.09 -23.97 -26.83
N PRO A 156 -16.15 -23.17 -26.69
CA PRO A 156 -15.98 -21.86 -26.07
C PRO A 156 -15.73 -21.99 -24.58
N PRO A 157 -14.93 -21.09 -24.01
CA PRO A 157 -14.65 -21.16 -22.57
C PRO A 157 -15.85 -20.72 -21.74
N SER A 158 -15.87 -21.17 -20.48
CA SER A 158 -16.92 -20.77 -19.57
C SER A 158 -16.78 -19.31 -19.15
N PHE A 159 -15.56 -18.78 -19.21
CA PHE A 159 -15.29 -17.39 -18.87
C PHE A 159 -15.17 -16.56 -20.14
N ASN A 160 -15.16 -15.25 -19.96
CA ASN A 160 -14.93 -14.35 -21.10
C ASN A 160 -13.44 -14.24 -21.34
N PRO A 161 -12.94 -14.63 -22.52
CA PRO A 161 -11.49 -14.60 -22.74
C PRO A 161 -10.91 -13.20 -22.70
N SER A 162 -11.66 -12.20 -23.14
CA SER A 162 -11.15 -10.83 -23.08
C SER A 162 -11.04 -10.33 -21.65
N GLU A 163 -11.99 -10.72 -20.79
CA GLU A 163 -11.93 -10.30 -19.39
C GLU A 163 -10.80 -11.01 -18.65
N LYS A 164 -10.56 -12.28 -18.97
CA LYS A 164 -9.48 -13.01 -18.31
C LYS A 164 -8.11 -12.45 -18.67
N LEU A 165 -7.89 -12.14 -19.95
CA LEU A 165 -6.59 -11.64 -20.36
C LEU A 165 -6.32 -10.25 -19.78
N LYS A 166 -7.35 -9.44 -19.62
CA LYS A 166 -7.16 -8.14 -18.97
C LYS A 166 -6.85 -8.31 -17.49
N GLU A 167 -7.46 -9.30 -16.83
CA GLU A 167 -7.17 -9.57 -15.44
C GLU A 167 -5.72 -10.02 -15.26
N LEU A 168 -5.26 -10.95 -16.11
CA LEU A 168 -3.89 -11.44 -16.01
C LEU A 168 -2.89 -10.31 -16.24
N ASP A 169 -3.17 -9.42 -17.19
CA ASP A 169 -2.26 -8.30 -17.46
C ASP A 169 -2.22 -7.34 -16.29
N LYS A 170 -3.36 -7.09 -15.64
CA LYS A 170 -3.39 -6.20 -14.49
C LYS A 170 -2.56 -6.76 -13.34
N ASN A 171 -2.69 -8.06 -13.06
CA ASN A 171 -1.90 -8.67 -12.00
C ASN A 171 -0.41 -8.72 -12.32
N SER A 172 -0.04 -8.63 -13.60
CA SER A 172 1.36 -8.74 -13.97
C SER A 172 2.16 -7.49 -13.64
N GLN A 173 1.48 -6.35 -13.41
CA GLN A 173 2.19 -5.10 -13.17
C GLN A 173 3.09 -5.20 -11.95
N ALA A 174 2.56 -5.73 -10.84
CA ALA A 174 3.36 -5.85 -9.63
C ALA A 174 4.46 -6.89 -9.80
N ILE A 175 4.26 -7.88 -10.67
CA ILE A 175 5.28 -8.89 -10.88
C ILE A 175 6.41 -8.36 -11.77
N LYS A 176 6.05 -7.64 -12.84
CA LYS A 176 7.06 -6.94 -13.64
C LYS A 176 7.86 -5.98 -12.76
N ARG A 177 7.17 -5.27 -11.88
CA ARG A 177 7.83 -4.37 -10.94
C ARG A 177 8.82 -5.11 -10.05
N ARG A 178 8.45 -6.32 -9.60
CA ARG A 178 9.32 -7.09 -8.72
C ARG A 178 10.57 -7.57 -9.44
N LEU A 179 10.44 -8.00 -10.70
CA LEU A 179 11.61 -8.48 -11.43
C LEU A 179 12.61 -7.36 -11.69
N GLU A 180 12.14 -6.14 -11.92
CA GLU A 180 13.07 -5.02 -12.14
C GLU A 180 13.82 -4.67 -10.87
N ARG A 181 13.19 -4.83 -9.69
CA ARG A 181 13.92 -4.66 -8.45
C ARG A 181 15.00 -5.71 -8.28
N ILE A 182 14.75 -6.92 -8.78
CA ILE A 182 15.77 -7.97 -8.75
C ILE A 182 16.92 -7.62 -9.68
N LYS A 183 16.60 -7.12 -10.88
CA LYS A 183 17.65 -6.78 -11.84
C LYS A 183 18.40 -5.51 -11.44
N SER A 184 17.73 -4.60 -10.75
CA SER A 184 18.42 -3.40 -10.27
C SER A 184 19.39 -3.72 -9.15
N ARG A 185 19.07 -4.71 -8.31
CA ARG A 185 19.94 -5.03 -7.19
C ARG A 185 21.26 -5.64 -7.66
N SER A 186 21.25 -6.37 -8.78
CA SER A 186 22.48 -6.94 -9.30
C SER A 186 23.43 -5.86 -9.77
N VAL A 187 22.90 -4.78 -10.35
CA VAL A 187 23.71 -3.65 -10.77
C VAL A 187 23.91 -2.72 -9.57
N ASP A 188 24.72 -3.17 -8.62
CA ASP A 188 24.95 -2.40 -7.40
C ASP A 188 26.35 -1.81 -7.36
N ALA B 4 -9.82 -29.90 33.65
CA ALA B 4 -8.47 -30.21 33.18
C ALA B 4 -7.73 -28.94 32.77
N LEU B 5 -6.43 -29.04 32.59
CA LEU B 5 -5.59 -27.93 32.21
C LEU B 5 -5.14 -28.06 30.76
N LEU B 6 -4.65 -26.94 30.22
CA LEU B 6 -4.09 -26.89 28.88
C LEU B 6 -2.57 -27.00 28.96
N THR B 7 -1.99 -27.76 28.04
CA THR B 7 -0.54 -27.78 27.92
C THR B 7 -0.06 -26.41 27.44
N ALA B 8 1.21 -26.12 27.75
CA ALA B 8 1.80 -24.86 27.29
C ALA B 8 1.81 -24.79 25.77
N LYS B 9 1.97 -25.94 25.11
CA LYS B 9 1.93 -25.99 23.65
C LYS B 9 0.55 -25.66 23.11
N THR B 10 -0.50 -26.20 23.75
CA THR B 10 -1.86 -25.93 23.30
C THR B 10 -2.22 -24.46 23.44
N PHE B 11 -1.80 -23.83 24.54
CA PHE B 11 -2.04 -22.41 24.72
C PHE B 11 -1.39 -21.60 23.61
N SER B 12 -0.11 -21.87 23.34
CA SER B 12 0.62 -21.13 22.31
C SER B 12 -0.02 -21.30 20.94
N LEU B 13 -0.38 -22.53 20.59
CA LEU B 13 -0.89 -22.80 19.24
C LEU B 13 -2.32 -22.30 19.06
N GLN B 14 -3.19 -22.51 20.06
CA GLN B 14 -4.61 -22.22 19.87
C GLN B 14 -4.94 -20.75 20.09
N PHE B 15 -4.23 -20.07 20.99
CA PHE B 15 -4.44 -18.65 21.19
C PHE B 15 -3.59 -17.79 20.25
N ASN B 16 -2.77 -18.41 19.41
CA ASN B 16 -1.95 -17.73 18.41
C ASN B 16 -2.78 -16.69 17.66
N ASN B 17 -2.42 -15.42 17.79
N ASN B 17 -2.34 -15.44 17.76
CA ASN B 17 -3.25 -14.36 17.22
CA ASN B 17 -3.08 -14.27 17.34
C ASN B 17 -2.59 -13.66 16.04
C ASN B 17 -2.65 -13.73 15.99
N LYS B 18 -1.67 -14.34 15.34
CA LYS B 18 -1.14 -13.81 14.10
C LYS B 18 -2.23 -13.79 13.03
N ARG B 19 -2.07 -12.88 12.07
CA ARG B 19 -3.06 -12.76 10.99
C ARG B 19 -3.21 -14.06 10.22
N ARG B 20 -2.14 -14.83 10.08
CA ARG B 20 -2.18 -16.09 9.37
C ARG B 20 -1.24 -17.10 10.05
N VAL B 21 -1.69 -18.35 10.11
CA VAL B 21 -0.83 -19.41 10.62
C VAL B 21 0.39 -19.55 9.74
N ASN B 22 1.56 -19.69 10.37
CA ASN B 22 2.80 -19.90 9.65
C ASN B 22 3.01 -21.38 9.36
N LYS B 23 3.93 -21.66 8.46
CA LYS B 23 4.32 -23.03 8.16
C LYS B 23 5.14 -23.59 9.32
N PRO B 24 4.89 -24.85 9.71
CA PRO B 24 3.87 -25.77 9.18
C PRO B 24 2.46 -25.45 9.68
N TYR B 25 1.47 -25.62 8.80
CA TYR B 25 0.10 -25.21 9.10
C TYR B 25 -0.59 -26.21 10.02
N TYR B 26 -1.47 -25.67 10.87
CA TYR B 26 -2.26 -26.46 11.82
C TYR B 26 -3.58 -25.74 12.03
N PRO B 27 -4.65 -26.46 12.36
CA PRO B 27 -5.95 -25.79 12.54
C PRO B 27 -6.01 -25.02 13.85
N ARG B 28 -6.42 -23.76 13.76
CA ARG B 28 -6.73 -22.95 14.93
C ARG B 28 -8.21 -23.10 15.23
N LYS B 29 -8.55 -24.03 16.11
CA LYS B 29 -9.94 -24.36 16.38
C LYS B 29 -10.46 -23.56 17.57
N ALA B 30 -11.79 -23.59 17.73
CA ALA B 30 -12.45 -22.77 18.75
C ALA B 30 -12.18 -23.32 20.14
N LEU B 31 -11.61 -22.49 21.00
CA LEU B 31 -11.33 -22.84 22.39
C LEU B 31 -11.99 -21.81 23.30
N LEU B 32 -12.67 -22.29 24.34
CA LEU B 32 -13.37 -21.43 25.28
C LEU B 32 -12.88 -21.73 26.69
N CYS B 33 -12.31 -20.73 27.36
CA CYS B 33 -11.92 -20.82 28.75
C CYS B 33 -12.81 -19.89 29.58
N TYR B 34 -13.48 -20.44 30.58
CA TYR B 34 -14.41 -19.68 31.41
C TYR B 34 -14.00 -19.72 32.87
N GLN B 35 -14.36 -18.66 33.59
CA GLN B 35 -14.13 -18.55 35.03
C GLN B 35 -15.43 -18.07 35.69
N LEU B 36 -15.96 -18.88 36.60
CA LEU B 36 -17.20 -18.56 37.30
C LEU B 36 -16.85 -18.14 38.73
N THR B 37 -17.08 -16.88 39.05
CA THR B 37 -16.71 -16.31 40.34
C THR B 37 -17.93 -15.85 41.11
N PRO B 38 -18.36 -16.55 42.15
CA PRO B 38 -19.51 -16.11 42.93
C PRO B 38 -19.20 -14.86 43.74
N GLN B 39 -20.24 -14.07 44.00
CA GLN B 39 -20.05 -12.82 44.75
C GLN B 39 -19.71 -13.06 46.20
N ASN B 40 -20.22 -14.13 46.81
CA ASN B 40 -19.97 -14.38 48.23
C ASN B 40 -18.55 -14.83 48.51
N GLY B 41 -17.74 -15.11 47.49
CA GLY B 41 -16.37 -15.50 47.68
C GLY B 41 -16.10 -16.99 47.66
N SER B 42 -17.00 -17.80 47.12
CA SER B 42 -16.77 -19.23 47.04
C SER B 42 -15.63 -19.53 46.08
N THR B 43 -15.22 -20.79 46.05
CA THR B 43 -14.14 -21.21 45.17
C THR B 43 -14.55 -21.04 43.71
N PRO B 44 -13.81 -20.28 42.92
CA PRO B 44 -14.18 -20.09 41.51
C PRO B 44 -14.08 -21.40 40.73
N THR B 45 -14.98 -21.54 39.77
CA THR B 45 -15.01 -22.72 38.91
C THR B 45 -14.39 -22.40 37.56
N ARG B 46 -13.52 -23.29 37.09
CA ARG B 46 -12.83 -23.12 35.82
C ARG B 46 -12.98 -24.34 34.95
N GLY B 47 -12.89 -24.13 33.65
CA GLY B 47 -12.98 -25.21 32.69
C GLY B 47 -12.71 -24.68 31.30
N HIS B 48 -12.52 -25.60 30.37
CA HIS B 48 -12.30 -25.24 28.98
C HIS B 48 -13.12 -26.18 28.10
N LEU B 49 -13.53 -25.64 26.95
CA LEU B 49 -14.42 -26.36 26.04
C LEU B 49 -13.96 -26.20 24.60
N ILE B 50 -14.21 -27.25 23.82
CA ILE B 50 -13.82 -27.33 22.41
C ILE B 50 -15.08 -27.65 21.61
N ASN B 51 -15.16 -27.08 20.42
CA ASN B 51 -16.26 -27.34 19.49
C ASN B 51 -16.47 -28.84 19.28
N LYS B 52 -17.71 -29.19 18.99
CA LYS B 52 -18.09 -30.50 18.47
C LYS B 52 -18.46 -30.35 17.00
N LYS B 53 -18.74 -31.48 16.35
CA LYS B 53 -19.09 -31.42 14.93
C LYS B 53 -20.44 -30.75 14.68
N GLU B 54 -21.28 -30.63 15.71
CA GLU B 54 -22.58 -29.99 15.57
C GLU B 54 -22.89 -28.96 16.64
N ASP B 55 -22.13 -28.90 17.72
CA ASP B 55 -22.33 -27.92 18.79
C ASP B 55 -21.06 -27.09 18.95
N HIS B 56 -21.19 -25.78 18.82
CA HIS B 56 -20.07 -24.89 19.10
C HIS B 56 -19.79 -24.84 20.60
N ALA B 57 -18.61 -24.34 20.95
CA ALA B 57 -18.20 -24.31 22.34
C ALA B 57 -19.06 -23.37 23.18
N GLU B 58 -19.61 -22.31 22.57
CA GLU B 58 -20.46 -21.41 23.33
C GLU B 58 -21.77 -22.07 23.73
N ILE B 59 -22.35 -22.86 22.82
CA ILE B 59 -23.58 -23.58 23.14
C ILE B 59 -23.32 -24.63 24.22
N ARG B 60 -22.22 -25.36 24.08
CA ARG B 60 -21.83 -26.31 25.13
C ARG B 60 -21.57 -25.59 26.45
N PHE B 61 -21.00 -24.39 26.39
CA PHE B 61 -20.78 -23.60 27.59
C PHE B 61 -22.09 -23.22 28.24
N ILE B 62 -23.08 -22.83 27.44
CA ILE B 62 -24.40 -22.51 27.99
C ILE B 62 -24.99 -23.74 28.67
N ASN B 63 -24.93 -24.89 28.01
CA ASN B 63 -25.49 -26.10 28.58
C ASN B 63 -24.70 -26.60 29.78
N GLU B 64 -23.38 -26.34 29.81
CA GLU B 64 -22.59 -26.73 30.97
C GLU B 64 -22.95 -25.91 32.20
N ILE B 65 -23.16 -24.60 32.02
CA ILE B 65 -23.58 -23.77 33.15
C ILE B 65 -24.92 -24.22 33.68
N LYS B 66 -25.88 -24.48 32.78
CA LYS B 66 -27.19 -24.94 33.21
C LYS B 66 -27.11 -26.26 33.96
N SER B 67 -26.18 -27.14 33.57
CA SER B 67 -26.03 -28.44 34.21
C SER B 67 -25.44 -28.34 35.61
N MET B 68 -24.85 -27.21 35.98
CA MET B 68 -24.25 -27.07 37.30
C MET B 68 -25.30 -26.90 38.39
N GLY B 69 -26.54 -26.58 38.04
CA GLY B 69 -27.58 -26.34 39.02
C GLY B 69 -27.23 -25.22 39.96
N LEU B 70 -26.82 -24.09 39.39
CA LEU B 70 -26.40 -22.95 40.20
C LEU B 70 -27.56 -22.42 41.03
N ASP B 71 -27.22 -21.87 42.20
CA ASP B 71 -28.21 -21.19 43.03
C ASP B 71 -28.59 -19.88 42.35
N GLU B 72 -29.84 -19.78 41.90
CA GLU B 72 -30.28 -18.63 41.13
C GLU B 72 -30.54 -17.40 41.99
N THR B 73 -30.48 -17.52 43.32
CA THR B 73 -30.57 -16.37 44.20
C THR B 73 -29.22 -15.68 44.42
N GLN B 74 -28.13 -16.29 43.99
CA GLN B 74 -26.81 -15.68 44.09
C GLN B 74 -26.47 -14.91 42.84
N CSD B 75 -25.37 -14.16 42.88
CA CSD B 75 -24.87 -13.48 41.72
CB CSD B 75 -24.86 -11.95 41.87
SG CSD B 75 -26.40 -11.20 41.74
C CSD B 75 -23.48 -13.98 41.36
O CSD B 75 -22.62 -14.29 42.19
OD1 CSD B 75 -27.42 -12.14 41.59
OD2 CSD B 75 -26.51 -10.26 42.77
N TYR B 76 -23.24 -14.08 40.04
CA TYR B 76 -21.97 -14.62 39.55
C TYR B 76 -21.36 -13.74 38.47
N GLN B 77 -20.04 -13.57 38.53
CA GLN B 77 -19.27 -12.94 37.47
C GLN B 77 -18.65 -14.01 36.60
N VAL B 78 -18.91 -13.94 35.30
CA VAL B 78 -18.43 -14.94 34.35
C VAL B 78 -17.57 -14.25 33.31
N THR B 79 -16.33 -14.71 33.17
CA THR B 79 -15.40 -14.21 32.16
C THR B 79 -15.06 -15.33 31.20
N CYS B 80 -15.16 -15.06 29.90
CA CYS B 80 -14.91 -16.05 28.87
C CYS B 80 -13.77 -15.56 27.97
N TYR B 81 -12.70 -16.36 27.90
CA TYR B 81 -11.60 -16.11 26.97
C TYR B 81 -11.81 -17.01 25.76
N LEU B 82 -12.06 -16.39 24.60
CA LEU B 82 -12.32 -17.11 23.36
C LEU B 82 -11.15 -16.94 22.40
N THR B 83 -10.79 -18.04 21.72
CA THR B 83 -9.81 -17.93 20.65
C THR B 83 -10.44 -17.32 19.40
N TRP B 84 -11.65 -17.73 19.07
CA TRP B 84 -12.46 -17.09 18.03
C TRP B 84 -13.65 -16.40 18.67
N SER B 85 -13.94 -15.19 18.22
CA SER B 85 -15.13 -14.48 18.67
C SER B 85 -16.37 -15.24 18.21
N PRO B 86 -17.52 -15.02 18.87
CA PRO B 86 -18.69 -15.86 18.60
C PRO B 86 -19.28 -15.61 17.22
N CYS B 87 -19.87 -16.68 16.66
CA CYS B 87 -20.68 -16.59 15.46
C CYS B 87 -22.03 -15.95 15.81
N PRO B 88 -22.80 -15.52 14.81
CA PRO B 88 -24.09 -14.88 15.13
C PRO B 88 -25.06 -15.78 15.86
N SER B 89 -25.09 -17.08 15.52
CA SER B 89 -26.02 -17.98 16.20
C SER B 89 -25.65 -18.16 17.66
N CYS B 90 -24.35 -18.30 17.96
CA CYS B 90 -23.92 -18.39 19.35
C CYS B 90 -24.14 -17.06 20.07
N ALA B 91 -23.95 -15.95 19.37
CA ALA B 91 -24.19 -14.63 19.97
C ALA B 91 -25.64 -14.49 20.41
N GLY B 92 -26.58 -14.90 19.54
CA GLY B 92 -27.99 -14.83 19.91
C GLY B 92 -28.33 -15.74 21.08
N GLU B 93 -27.72 -16.92 21.13
CA GLU B 93 -27.98 -17.85 22.22
C GLU B 93 -27.39 -17.33 23.53
N LEU B 94 -26.20 -16.72 23.47
CA LEU B 94 -25.62 -16.14 24.67
C LEU B 94 -26.48 -15.01 25.22
N VAL B 95 -27.06 -14.19 24.33
CA VAL B 95 -27.93 -13.11 24.77
C VAL B 95 -29.20 -13.67 25.42
N ASP B 96 -29.86 -14.62 24.76
CA ASP B 96 -31.06 -15.22 25.33
C ASP B 96 -30.75 -15.91 26.66
N PHE B 97 -29.58 -16.54 26.77
CA PHE B 97 -29.20 -17.20 28.00
C PHE B 97 -28.99 -16.20 29.12
N ILE B 98 -28.30 -15.09 28.83
CA ILE B 98 -27.98 -14.12 29.88
C ILE B 98 -29.23 -13.34 30.31
N LYS B 99 -30.16 -13.09 29.38
CA LYS B 99 -31.39 -12.37 29.75
C LYS B 99 -32.29 -13.22 30.65
N ALA B 100 -32.30 -14.54 30.46
CA ALA B 100 -33.08 -15.42 31.29
C ALA B 100 -32.36 -15.80 32.57
N HIS B 101 -31.06 -15.55 32.65
CA HIS B 101 -30.28 -15.88 33.84
C HIS B 101 -29.59 -14.63 34.36
N ARG B 102 -30.38 -13.66 34.81
CA ARG B 102 -29.86 -12.37 35.27
C ARG B 102 -29.00 -12.47 36.52
N HIS B 103 -28.88 -13.66 37.11
CA HIS B 103 -27.93 -13.87 38.18
C HIS B 103 -26.50 -14.02 37.67
N LEU B 104 -26.30 -13.96 36.36
CA LEU B 104 -24.98 -14.07 35.75
C LEU B 104 -24.61 -12.77 35.07
N ASN B 105 -23.37 -12.34 35.25
CA ASN B 105 -22.80 -11.20 34.53
C ASN B 105 -21.67 -11.74 33.66
N LEU B 106 -21.81 -11.57 32.35
CA LEU B 106 -20.92 -12.21 31.38
C LEU B 106 -20.09 -11.17 30.65
N ARG B 107 -18.77 -11.38 30.64
CA ARG B 107 -17.85 -10.61 29.81
C ARG B 107 -17.12 -11.57 28.89
N ILE B 108 -16.93 -11.16 27.64
CA ILE B 108 -16.30 -11.99 26.62
C ILE B 108 -15.04 -11.29 26.13
N PHE B 109 -13.92 -12.00 26.17
CA PHE B 109 -12.67 -11.54 25.58
C PHE B 109 -12.27 -12.52 24.49
N ALA B 110 -11.99 -11.99 23.30
CA ALA B 110 -11.62 -12.79 22.15
C ALA B 110 -10.19 -12.50 21.74
N SER B 111 -9.44 -13.56 21.42
CA SER B 111 -8.11 -13.38 20.89
C SER B 111 -8.17 -12.90 19.45
N ARG B 112 -8.97 -13.56 18.62
CA ARG B 112 -9.14 -13.22 17.22
C ARG B 112 -10.60 -12.94 16.93
N LEU B 113 -10.85 -12.13 15.91
CA LEU B 113 -12.20 -11.75 15.50
C LEU B 113 -12.63 -12.64 14.35
N TYR B 114 -13.62 -13.49 14.60
CA TYR B 114 -14.04 -14.53 13.67
C TYR B 114 -14.89 -13.91 12.57
N TYR B 115 -14.37 -13.93 11.33
CA TYR B 115 -15.07 -13.38 10.16
C TYR B 115 -15.53 -11.95 10.41
N HIS B 116 -14.61 -11.11 10.91
CA HIS B 116 -14.93 -9.73 11.25
C HIS B 116 -15.28 -8.88 10.03
N TRP B 117 -15.01 -9.35 8.82
CA TRP B 117 -15.39 -8.61 7.62
C TRP B 117 -16.83 -8.90 7.20
N HIS B 118 -17.47 -9.88 7.80
N HIS B 118 -17.48 -9.89 7.80
CA HIS B 118 -18.85 -10.22 7.44
CA HIS B 118 -18.84 -10.23 7.42
C HIS B 118 -19.81 -9.38 8.25
C HIS B 118 -19.84 -9.40 8.24
N PRO B 119 -20.82 -8.76 7.60
CA PRO B 119 -21.74 -7.89 8.36
C PRO B 119 -22.56 -8.63 9.40
N ASN B 120 -22.96 -9.87 9.12
CA ASN B 120 -23.78 -10.60 10.08
C ASN B 120 -23.00 -10.96 11.34
N TYR B 121 -21.72 -11.30 11.19
CA TYR B 121 -20.89 -11.59 12.36
C TYR B 121 -20.62 -10.33 13.17
N GLN B 122 -20.50 -9.18 12.51
CA GLN B 122 -20.35 -7.92 13.22
C GLN B 122 -21.59 -7.62 14.07
N GLU B 123 -22.78 -7.85 13.50
CA GLU B 123 -24.01 -7.62 14.25
C GLU B 123 -24.09 -8.49 15.50
N GLY B 124 -23.57 -9.72 15.42
CA GLY B 124 -23.56 -10.58 16.60
C GLY B 124 -22.74 -10.01 17.74
N LEU B 125 -21.55 -9.47 17.42
CA LEU B 125 -20.73 -8.86 18.46
C LEU B 125 -21.39 -7.60 19.01
N LEU B 126 -22.00 -6.80 18.15
CA LEU B 126 -22.72 -5.61 18.62
C LEU B 126 -23.95 -5.98 19.42
N LEU B 127 -24.61 -7.10 19.08
CA LEU B 127 -25.75 -7.56 19.85
C LEU B 127 -25.33 -7.93 21.28
N LEU B 128 -24.17 -8.59 21.41
CA LEU B 128 -23.68 -8.93 22.74
C LEU B 128 -23.38 -7.68 23.56
N CYS B 129 -22.66 -6.72 22.95
CA CYS B 129 -22.31 -5.50 23.67
C CYS B 129 -23.57 -4.73 24.06
N GLY B 130 -24.58 -4.70 23.19
CA GLY B 130 -25.84 -4.05 23.47
C GLY B 130 -26.76 -4.81 24.41
N SER B 131 -26.37 -6.02 24.81
CA SER B 131 -27.16 -6.84 25.71
C SER B 131 -26.42 -7.11 27.03
N GLN B 132 -25.60 -6.15 27.44
CA GLN B 132 -24.86 -6.20 28.70
C GLN B 132 -23.85 -7.34 28.72
N VAL B 133 -23.35 -7.74 27.56
CA VAL B 133 -22.25 -8.69 27.47
C VAL B 133 -21.09 -8.01 26.74
N PRO B 134 -20.23 -7.28 27.46
CA PRO B 134 -19.15 -6.55 26.79
C PRO B 134 -18.21 -7.49 26.07
N VAL B 135 -17.88 -7.14 24.82
CA VAL B 135 -16.94 -7.89 24.00
C VAL B 135 -15.72 -7.03 23.77
N GLU B 136 -14.55 -7.56 24.12
CA GLU B 136 -13.28 -6.86 23.93
C GLU B 136 -12.27 -7.84 23.35
N VAL B 137 -11.20 -7.28 22.80
CA VAL B 137 -10.10 -8.07 22.27
C VAL B 137 -9.10 -8.34 23.39
N MET B 138 -8.60 -9.57 23.45
CA MET B 138 -7.63 -9.93 24.47
C MET B 138 -6.34 -9.16 24.27
N GLY B 139 -5.83 -8.57 25.35
CA GLY B 139 -4.54 -7.92 25.32
C GLY B 139 -3.58 -8.58 26.29
N LEU B 140 -2.50 -7.90 26.65
CA LEU B 140 -1.53 -8.48 27.56
C LEU B 140 -2.14 -8.91 28.90
N PRO B 141 -3.02 -8.13 29.55
CA PRO B 141 -3.60 -8.63 30.82
C PRO B 141 -4.42 -9.89 30.67
N GLU B 142 -5.22 -10.01 29.61
CA GLU B 142 -6.07 -11.19 29.45
C GLU B 142 -5.24 -12.43 29.09
N PHE B 143 -4.28 -12.29 28.19
CA PHE B 143 -3.42 -13.42 27.85
C PHE B 143 -2.65 -13.91 29.07
N THR B 144 -2.17 -12.99 29.91
CA THR B 144 -1.43 -13.39 31.10
C THR B 144 -2.34 -14.04 32.13
N ASP B 145 -3.51 -13.45 32.37
CA ASP B 145 -4.46 -14.03 33.32
C ASP B 145 -4.91 -15.42 32.86
N CYS B 146 -5.09 -15.60 31.55
CA CYS B 146 -5.46 -16.92 31.03
C CYS B 146 -4.28 -17.88 31.11
N TRP B 147 -3.06 -17.39 30.84
CA TRP B 147 -1.89 -18.24 30.95
C TRP B 147 -1.67 -18.74 32.37
N GLU B 148 -1.92 -17.87 33.36
CA GLU B 148 -1.68 -18.24 34.75
C GLU B 148 -2.74 -19.19 35.28
N ASN B 149 -3.97 -19.09 34.80
CA ASN B 149 -5.09 -19.80 35.40
C ASN B 149 -5.50 -21.05 34.64
N PHE B 150 -5.11 -21.20 33.37
CA PHE B 150 -5.58 -22.30 32.55
C PHE B 150 -4.47 -23.18 31.98
N VAL B 151 -3.21 -22.86 32.21
CA VAL B 151 -2.09 -23.61 31.65
C VAL B 151 -1.43 -24.41 32.76
N ASP B 152 -0.98 -25.61 32.43
CA ASP B 152 -0.27 -26.48 33.37
C ASP B 152 1.16 -25.98 33.53
N HIS B 153 1.55 -25.69 34.78
CA HIS B 153 2.88 -25.18 35.09
C HIS B 153 3.79 -26.25 35.69
N LYS B 154 3.34 -27.51 35.72
CA LYS B 154 4.21 -28.57 36.20
C LYS B 154 5.34 -28.86 35.22
N GLU B 155 5.02 -28.88 33.93
CA GLU B 155 6.03 -29.10 32.90
C GLU B 155 6.47 -27.77 32.32
N PRO B 156 7.77 -27.53 32.18
CA PRO B 156 8.23 -26.24 31.65
C PRO B 156 7.96 -26.16 30.16
N PRO B 157 7.61 -24.98 29.65
CA PRO B 157 7.37 -24.84 28.22
C PRO B 157 8.67 -24.82 27.43
N SER B 158 8.56 -25.16 26.15
CA SER B 158 9.72 -25.12 25.27
C SER B 158 10.11 -23.67 24.95
N PHE B 159 9.16 -22.76 25.00
CA PHE B 159 9.38 -21.35 24.75
C PHE B 159 9.46 -20.57 26.06
N ASN B 160 9.89 -19.33 25.96
CA ASN B 160 9.89 -18.44 27.12
C ASN B 160 8.50 -17.84 27.28
N PRO B 161 7.82 -18.06 28.42
CA PRO B 161 6.44 -17.56 28.55
C PRO B 161 6.33 -16.05 28.50
N SER B 162 7.32 -15.32 29.02
CA SER B 162 7.27 -13.87 28.98
C SER B 162 7.43 -13.36 27.54
N GLU B 163 8.27 -14.02 26.75
CA GLU B 163 8.42 -13.62 25.35
C GLU B 163 7.18 -13.94 24.54
N LYS B 164 6.51 -15.06 24.85
CA LYS B 164 5.31 -15.43 24.13
C LYS B 164 4.18 -14.45 24.36
N LEU B 165 3.99 -14.01 25.61
CA LEU B 165 2.90 -13.08 25.91
C LEU B 165 3.13 -11.71 25.28
N LYS B 166 4.39 -11.29 25.13
CA LYS B 166 4.67 -10.03 24.48
C LYS B 166 4.31 -10.09 23.00
N GLU B 167 4.53 -11.25 22.37
CA GLU B 167 4.13 -11.41 20.98
C GLU B 167 2.62 -11.35 20.82
N LEU B 168 1.88 -12.02 21.70
CA LEU B 168 0.42 -12.02 21.61
C LEU B 168 -0.15 -10.61 21.78
N ASP B 169 0.40 -9.83 22.71
CA ASP B 169 -0.06 -8.46 22.89
C ASP B 169 0.29 -7.60 21.68
N LYS B 170 1.47 -7.82 21.10
CA LYS B 170 1.87 -7.06 19.92
C LYS B 170 0.94 -7.31 18.75
N ASN B 171 0.58 -8.58 18.51
CA ASN B 171 -0.34 -8.91 17.44
C ASN B 171 -1.76 -8.42 17.71
N SER B 172 -2.10 -8.16 18.98
CA SER B 172 -3.46 -7.77 19.32
C SER B 172 -3.80 -6.34 18.93
N GLN B 173 -2.78 -5.51 18.66
CA GLN B 173 -3.04 -4.10 18.41
C GLN B 173 -3.88 -3.89 17.15
N ALA B 174 -3.53 -4.58 16.07
CA ALA B 174 -4.32 -4.46 14.84
C ALA B 174 -5.71 -5.05 15.01
N ILE B 175 -5.86 -6.02 15.91
CA ILE B 175 -7.16 -6.62 16.15
C ILE B 175 -8.04 -5.72 17.02
N LYS B 176 -7.46 -5.13 18.06
CA LYS B 176 -8.18 -4.11 18.82
C LYS B 176 -8.62 -2.97 17.91
N ARG B 177 -7.74 -2.56 17.00
CA ARG B 177 -8.07 -1.51 16.04
C ARG B 177 -9.28 -1.90 15.20
N ARG B 178 -9.35 -3.18 14.78
CA ARG B 178 -10.45 -3.62 13.93
C ARG B 178 -11.78 -3.62 14.67
N LEU B 179 -11.78 -4.05 15.94
CA LEU B 179 -13.02 -4.08 16.70
C LEU B 179 -13.56 -2.67 16.95
N GLU B 180 -12.68 -1.69 17.15
CA GLU B 180 -13.14 -0.32 17.37
C GLU B 180 -13.77 0.27 16.13
N ARG B 181 -13.30 -0.12 14.94
CA ARG B 181 -13.95 0.33 13.71
C ARG B 181 -15.36 -0.25 13.62
N ILE B 182 -15.56 -1.47 14.10
CA ILE B 182 -16.88 -2.08 14.08
C ILE B 182 -17.83 -1.36 15.04
N LYS B 183 -17.33 -1.02 16.24
CA LYS B 183 -18.17 -0.35 17.23
C LYS B 183 -18.46 1.09 16.84
N SER B 184 -19.27 1.27 15.80
N SER B 184 -19.27 1.27 15.80
CA SER B 184 -19.71 2.59 15.35
CA SER B 184 -19.69 2.60 15.36
C SER B 184 -21.11 2.51 14.79
C SER B 184 -21.11 2.53 14.81
N ARG B 185 -21.96 1.73 15.44
CA ARG B 185 -23.37 1.54 15.04
C ARG B 185 -23.50 1.08 13.59
N ALA C 4 -17.33 32.95 22.16
CA ALA C 4 -16.14 32.61 21.38
C ALA C 4 -16.34 31.30 20.62
N LEU C 5 -17.09 31.37 19.53
CA LEU C 5 -17.40 30.22 18.71
C LEU C 5 -16.64 30.29 17.39
N LEU C 6 -16.50 29.12 16.75
N LEU C 6 -16.49 29.14 16.74
CA LEU C 6 -15.88 28.98 15.44
CA LEU C 6 -15.87 29.09 15.43
C LEU C 6 -16.97 28.78 14.39
C LEU C 6 -16.93 28.78 14.38
N THR C 7 -16.71 29.30 13.18
CA THR C 7 -17.62 29.04 12.08
C THR C 7 -17.42 27.61 11.58
N ALA C 8 -18.48 27.05 10.98
CA ALA C 8 -18.38 25.70 10.45
C ALA C 8 -17.31 25.59 9.37
N LYS C 9 -17.12 26.65 8.58
CA LYS C 9 -16.08 26.65 7.56
C LYS C 9 -14.69 26.60 8.19
N THR C 10 -14.48 27.37 9.26
CA THR C 10 -13.19 27.33 9.96
C THR C 10 -12.91 25.96 10.55
N PHE C 11 -13.95 25.30 11.08
CA PHE C 11 -13.79 23.95 11.61
C PHE C 11 -13.31 23.00 10.52
N SER C 12 -13.98 23.02 9.37
CA SER C 12 -13.61 22.14 8.27
C SER C 12 -12.19 22.40 7.78
N LEU C 13 -11.83 23.67 7.63
CA LEU C 13 -10.53 24.00 7.05
C LEU C 13 -9.39 23.72 8.03
N GLN C 14 -9.57 24.07 9.31
CA GLN C 14 -8.46 23.99 10.25
C GLN C 14 -8.28 22.60 10.84
N PHE C 15 -9.36 21.85 11.04
CA PHE C 15 -9.25 20.49 11.55
C PHE C 15 -9.02 19.45 10.48
N ASN C 16 -9.03 19.84 9.20
CA ASN C 16 -8.75 18.96 8.09
C ASN C 16 -7.50 18.12 8.36
N ASN C 17 -7.66 16.81 8.51
CA ASN C 17 -6.57 15.93 8.86
C ASN C 17 -6.10 15.08 7.68
N LYS C 18 -6.35 15.53 6.45
CA LYS C 18 -5.81 14.87 5.28
C LYS C 18 -4.28 14.90 5.31
N ARG C 19 -3.68 13.94 4.59
CA ARG C 19 -2.23 13.85 4.52
C ARG C 19 -1.61 15.14 4.01
N ARG C 20 -2.26 15.78 3.03
CA ARG C 20 -1.78 17.04 2.48
C ARG C 20 -2.98 17.86 2.02
N VAL C 21 -2.82 19.19 2.07
CA VAL C 21 -3.90 20.08 1.67
C VAL C 21 -4.17 19.94 0.18
N ASN C 22 -5.44 19.90 -0.18
CA ASN C 22 -5.85 19.86 -1.58
C ASN C 22 -5.95 21.28 -2.14
N LYS C 23 -5.98 21.36 -3.46
CA LYS C 23 -6.14 22.62 -4.17
C LYS C 23 -7.58 23.11 -4.05
N PRO C 24 -7.77 24.43 -3.83
CA PRO C 24 -6.75 25.46 -3.66
C PRO C 24 -6.11 25.43 -2.27
N TYR C 25 -4.81 25.68 -2.22
CA TYR C 25 -4.06 25.51 -0.99
C TYR C 25 -4.30 26.67 -0.03
N TYR C 26 -4.31 26.36 1.26
CA TYR C 26 -4.54 27.33 2.32
C TYR C 26 -3.75 26.89 3.53
N PRO C 27 -3.32 27.82 4.38
CA PRO C 27 -2.53 27.43 5.55
C PRO C 27 -3.39 26.77 6.61
N ARG C 28 -2.95 25.60 7.09
CA ARG C 28 -3.58 24.94 8.22
C ARG C 28 -2.86 25.41 9.48
N LYS C 29 -3.42 26.43 10.12
CA LYS C 29 -2.79 27.07 11.26
C LYS C 29 -3.03 26.25 12.53
N ALA C 30 -2.25 26.59 13.56
CA ALA C 30 -2.38 25.93 14.85
C ALA C 30 -3.65 26.40 15.53
N LEU C 31 -4.52 25.46 15.85
CA LEU C 31 -5.76 25.75 16.53
C LEU C 31 -5.82 24.92 17.80
N LEU C 32 -6.17 25.58 18.91
CA LEU C 32 -6.28 24.94 20.21
C LEU C 32 -7.67 25.26 20.75
N CYS C 33 -8.47 24.23 20.99
CA CYS C 33 -9.76 24.36 21.63
C CYS C 33 -9.67 23.69 22.99
N TYR C 34 -10.00 24.43 24.05
CA TYR C 34 -9.89 23.91 25.40
C TYR C 34 -11.25 23.93 26.08
N GLN C 35 -11.42 22.97 27.00
CA GLN C 35 -12.63 22.85 27.80
C GLN C 35 -12.21 22.66 29.25
N LEU C 36 -12.63 23.57 30.11
CA LEU C 36 -12.31 23.52 31.54
C LEU C 36 -13.56 23.06 32.27
N THR C 37 -13.51 21.87 32.85
CA THR C 37 -14.67 21.25 33.49
C THR C 37 -14.43 21.07 34.97
N PRO C 38 -15.05 21.86 35.84
CA PRO C 38 -14.85 21.68 37.28
C PRO C 38 -15.46 20.39 37.79
N GLN C 39 -14.86 19.86 38.86
CA GLN C 39 -15.31 18.59 39.43
C GLN C 39 -16.67 18.72 40.10
N ASN C 40 -16.95 19.89 40.69
CA ASN C 40 -18.20 20.07 41.42
C ASN C 40 -19.44 20.12 40.52
N GLY C 41 -19.26 20.16 39.20
CA GLY C 41 -20.37 20.20 38.28
C GLY C 41 -20.76 21.57 37.81
N SER C 42 -19.89 22.58 37.99
CA SER C 42 -20.18 23.92 37.54
C SER C 42 -20.20 23.98 36.00
N THR C 43 -20.61 25.13 35.49
CA THR C 43 -20.65 25.34 34.04
C THR C 43 -19.24 25.30 33.46
N PRO C 44 -18.97 24.43 32.50
CA PRO C 44 -17.62 24.39 31.92
C PRO C 44 -17.28 25.66 31.16
N THR C 45 -16.01 26.02 31.19
CA THR C 45 -15.49 27.17 30.47
C THR C 45 -14.83 26.69 29.19
N ARG C 46 -15.14 27.37 28.07
CA ARG C 46 -14.67 26.96 26.76
C ARG C 46 -13.99 28.13 26.07
N GLY C 47 -13.08 27.82 25.16
CA GLY C 47 -12.39 28.83 24.39
C GLY C 47 -11.51 28.20 23.33
N HIS C 48 -11.06 29.04 22.39
CA HIS C 48 -10.17 28.60 21.33
C HIS C 48 -9.11 29.66 21.08
N LEU C 49 -7.95 29.21 20.62
CA LEU C 49 -6.84 30.11 20.33
C LEU C 49 -6.27 29.72 18.99
N ILE C 50 -5.96 30.71 18.14
CA ILE C 50 -5.41 30.47 16.82
C ILE C 50 -4.21 31.37 16.60
N ASN C 51 -3.23 30.88 15.83
CA ASN C 51 -2.07 31.62 15.36
C ASN C 51 -1.40 30.78 14.26
N LYS C 52 -0.34 31.32 13.67
CA LYS C 52 0.41 30.52 12.70
C LYS C 52 0.96 29.27 13.40
N LYS C 53 1.15 28.21 12.61
CA LYS C 53 1.56 26.93 13.18
C LYS C 53 2.93 26.99 13.87
N GLU C 54 3.69 28.07 13.69
CA GLU C 54 4.99 28.22 14.30
C GLU C 54 5.01 29.20 15.46
N ASP C 55 3.84 29.69 15.89
CA ASP C 55 3.77 30.74 16.91
C ASP C 55 3.31 30.24 18.28
N HIS C 56 3.01 28.94 18.42
CA HIS C 56 2.90 28.26 19.70
C HIS C 56 1.64 28.63 20.49
N ALA C 57 0.50 28.09 20.07
CA ALA C 57 -0.77 28.36 20.75
C ALA C 57 -0.79 27.79 22.17
N GLU C 58 -0.01 26.73 22.42
CA GLU C 58 -0.04 26.08 23.73
C GLU C 58 0.46 27.01 24.83
N ILE C 59 1.48 27.83 24.54
CA ILE C 59 1.96 28.78 25.53
C ILE C 59 0.89 29.80 25.86
N ARG C 60 0.18 30.30 24.84
CA ARG C 60 -0.96 31.18 25.09
C ARG C 60 -2.02 30.49 25.92
N PHE C 61 -2.22 29.18 25.69
CA PHE C 61 -3.18 28.43 26.49
C PHE C 61 -2.76 28.36 27.94
N ILE C 62 -1.46 28.16 28.19
CA ILE C 62 -0.95 28.15 29.56
C ILE C 62 -1.20 29.49 30.22
N ASN C 63 -0.86 30.58 29.52
CA ASN C 63 -1.05 31.91 30.08
C ASN C 63 -2.52 32.25 30.24
N GLU C 64 -3.39 31.68 29.38
CA GLU C 64 -4.82 31.92 29.51
C GLU C 64 -5.37 31.27 30.77
N ILE C 65 -4.94 30.05 31.09
CA ILE C 65 -5.38 29.38 32.32
C ILE C 65 -4.92 30.17 33.54
N LYS C 66 -3.65 30.60 33.54
CA LYS C 66 -3.11 31.35 34.67
C LYS C 66 -3.87 32.65 34.89
N SER C 67 -4.35 33.29 33.82
CA SER C 67 -5.05 34.56 33.97
C SER C 67 -6.42 34.40 34.59
N MET C 68 -6.96 33.18 34.63
CA MET C 68 -8.27 32.98 35.24
C MET C 68 -8.24 33.00 36.75
N GLY C 69 -7.07 32.85 37.37
CA GLY C 69 -6.96 32.84 38.81
C GLY C 69 -7.81 31.75 39.45
N LEU C 70 -7.65 30.52 38.98
CA LEU C 70 -8.49 29.43 39.44
C LEU C 70 -8.32 29.18 40.94
N ASP C 71 -9.42 28.76 41.57
CA ASP C 71 -9.38 28.32 42.97
C ASP C 71 -8.66 26.99 43.04
N GLU C 72 -7.50 26.96 43.67
CA GLU C 72 -6.68 25.76 43.71
C GLU C 72 -7.21 24.71 44.67
N THR C 73 -8.27 25.02 45.43
CA THR C 73 -8.92 24.02 46.27
C THR C 73 -9.94 23.18 45.51
N GLN C 74 -10.27 23.51 44.27
CA GLN C 74 -11.13 22.67 43.46
C GLN C 74 -10.32 21.76 42.55
N CSD C 75 -11.01 20.86 41.86
CA CSD C 75 -10.38 20.01 40.86
CB CSD C 75 -10.41 18.53 41.21
SG CSD C 75 -9.07 18.02 42.16
C CSD C 75 -10.99 20.24 39.48
O CSD C 75 -12.22 20.28 39.29
OD1 CSD C 75 -8.55 19.10 42.87
OD2 CSD C 75 -9.44 16.87 42.86
N TYR C 76 -10.12 20.39 38.50
CA TYR C 76 -10.57 20.71 37.14
C TYR C 76 -10.03 19.72 36.11
N GLN C 77 -10.92 19.24 35.25
CA GLN C 77 -10.54 18.40 34.12
C GLN C 77 -10.43 19.30 32.89
N VAL C 78 -9.25 19.30 32.26
CA VAL C 78 -8.96 20.16 31.12
C VAL C 78 -8.78 19.27 29.89
N THR C 79 -9.57 19.53 28.86
CA THR C 79 -9.47 18.82 27.58
C THR C 79 -9.05 19.78 26.50
N CYS C 80 -8.01 19.42 25.75
CA CYS C 80 -7.47 20.24 24.67
C CYS C 80 -7.62 19.51 23.35
N TYR C 81 -8.19 20.20 22.35
CA TYR C 81 -8.24 19.71 20.98
C TYR C 81 -7.28 20.54 20.15
N LEU C 82 -6.23 19.90 19.64
CA LEU C 82 -5.21 20.56 18.84
C LEU C 82 -5.31 20.10 17.40
N THR C 83 -5.15 21.06 16.47
CA THR C 83 -5.03 20.69 15.06
C THR C 83 -3.63 20.16 14.76
N TRP C 84 -2.60 20.78 15.34
CA TRP C 84 -1.24 20.26 15.31
C TRP C 84 -0.84 19.84 16.71
N SER C 85 -0.21 18.67 16.81
CA SER C 85 0.34 18.22 18.09
C SER C 85 1.47 19.15 18.53
N PRO C 86 1.79 19.18 19.82
CA PRO C 86 2.73 20.20 20.34
C PRO C 86 4.15 19.97 19.87
N CYS C 87 4.89 21.08 19.77
CA CYS C 87 6.33 21.06 19.56
C CYS C 87 7.02 20.62 20.84
N PRO C 88 8.32 20.26 20.77
CA PRO C 88 8.99 19.78 22.00
C PRO C 88 9.08 20.82 23.11
N SER C 89 9.32 22.09 22.77
CA SER C 89 9.43 23.11 23.81
C SER C 89 8.09 23.33 24.49
N CYS C 90 7.00 23.36 23.72
CA CYS C 90 5.68 23.47 24.32
C CYS C 90 5.33 22.24 25.15
N ALA C 91 5.80 21.06 24.73
CA ALA C 91 5.59 19.86 25.52
C ALA C 91 6.23 19.99 26.90
N GLY C 92 7.46 20.52 26.95
CA GLY C 92 8.10 20.72 28.24
C GLY C 92 7.40 21.76 29.09
N GLU C 93 6.89 22.82 28.45
CA GLU C 93 6.17 23.85 29.20
C GLU C 93 4.84 23.32 29.73
N LEU C 94 4.14 22.50 28.95
CA LEU C 94 2.91 21.90 29.42
C LEU C 94 3.18 20.97 30.61
N VAL C 95 4.29 20.22 30.56
CA VAL C 95 4.65 19.34 31.67
C VAL C 95 4.94 20.16 32.91
N ASP C 96 5.78 21.18 32.78
CA ASP C 96 6.09 22.05 33.92
C ASP C 96 4.84 22.74 34.46
N PHE C 97 3.92 23.11 33.57
CA PHE C 97 2.69 23.78 34.00
C PHE C 97 1.80 22.85 34.81
N ILE C 98 1.63 21.60 34.35
CA ILE C 98 0.70 20.71 35.04
C ILE C 98 1.28 20.24 36.38
N LYS C 99 2.60 20.06 36.45
CA LYS C 99 3.22 19.68 37.72
C LYS C 99 3.12 20.80 38.75
N ALA C 100 3.11 22.06 38.30
CA ALA C 100 2.97 23.18 39.21
C ALA C 100 1.52 23.47 39.57
N HIS C 101 0.56 22.92 38.82
CA HIS C 101 -0.87 23.12 39.07
C HIS C 101 -1.51 21.75 39.20
N ARG C 102 -1.32 21.12 40.37
CA ARG C 102 -1.83 19.78 40.63
C ARG C 102 -3.35 19.72 40.68
N HIS C 103 -4.04 20.87 40.75
CA HIS C 103 -5.49 20.89 40.72
C HIS C 103 -6.05 20.73 39.31
N LEU C 104 -5.20 20.60 38.30
CA LEU C 104 -5.62 20.41 36.92
C LEU C 104 -5.20 19.05 36.42
N ASN C 105 -6.10 18.39 35.69
CA ASN C 105 -5.80 17.15 34.97
C ASN C 105 -5.98 17.43 33.49
N LEU C 106 -4.92 17.22 32.71
CA LEU C 106 -4.85 17.64 31.32
C LEU C 106 -4.82 16.44 30.38
N ARG C 107 -5.72 16.44 29.40
CA ARG C 107 -5.72 15.49 28.29
C ARG C 107 -5.60 16.27 26.98
N ILE C 108 -4.80 15.75 26.06
CA ILE C 108 -4.55 16.41 24.78
C ILE C 108 -4.99 15.49 23.65
N PHE C 109 -5.83 16.03 22.76
CA PHE C 109 -6.23 15.33 21.54
C PHE C 109 -5.75 16.15 20.34
N ALA C 110 -5.05 15.49 19.42
CA ALA C 110 -4.51 16.14 18.24
C ALA C 110 -5.16 15.58 16.99
N SER C 111 -5.51 16.48 16.06
CA SER C 111 -6.02 16.04 14.76
C SER C 111 -4.89 15.49 13.88
N ARG C 112 -3.78 16.22 13.80
CA ARG C 112 -2.63 15.84 13.02
C ARG C 112 -1.39 15.79 13.91
N LEU C 113 -0.41 14.99 13.51
CA LEU C 113 0.83 14.82 14.26
C LEU C 113 1.89 15.71 13.63
N TYR C 114 2.30 16.74 14.38
CA TYR C 114 3.18 17.80 13.89
C TYR C 114 4.61 17.29 13.85
N TYR C 115 5.18 17.18 12.64
CA TYR C 115 6.54 16.70 12.45
C TYR C 115 6.80 15.38 13.17
N HIS C 116 5.86 14.44 12.98
CA HIS C 116 5.95 13.15 13.65
C HIS C 116 7.14 12.31 13.20
N TRP C 117 7.80 12.68 12.11
CA TRP C 117 9.01 11.99 11.66
C TRP C 117 10.27 12.53 12.31
N HIS C 118 10.20 13.64 13.03
CA HIS C 118 11.36 14.15 13.76
C HIS C 118 11.47 13.45 15.10
N PRO C 119 12.61 12.84 15.42
CA PRO C 119 12.74 12.17 16.73
C PRO C 119 12.51 13.08 17.92
N ASN C 120 12.94 14.34 17.83
CA ASN C 120 12.76 15.26 18.95
C ASN C 120 11.29 15.56 19.19
N TYR C 121 10.50 15.67 18.11
CA TYR C 121 9.07 15.87 18.29
C TYR C 121 8.41 14.63 18.88
N GLN C 122 8.91 13.45 18.53
CA GLN C 122 8.42 12.22 19.16
C GLN C 122 8.70 12.22 20.65
N GLU C 123 9.90 12.67 21.04
CA GLU C 123 10.25 12.73 22.45
C GLU C 123 9.32 13.65 23.22
N GLY C 124 8.89 14.74 22.59
CA GLY C 124 7.95 15.65 23.24
C GLY C 124 6.61 15.01 23.55
N LEU C 125 6.06 14.28 22.58
CA LEU C 125 4.78 13.60 22.81
C LEU C 125 4.92 12.50 23.86
N LEU C 126 6.02 11.76 23.84
CA LEU C 126 6.25 10.74 24.87
C LEU C 126 6.49 11.38 26.23
N LEU C 127 7.09 12.56 26.26
CA LEU C 127 7.29 13.26 27.52
C LEU C 127 5.96 13.61 28.17
N LEU C 128 4.99 14.04 27.37
CA LEU C 128 3.65 14.34 27.89
C LEU C 128 2.98 13.10 28.44
N CYS C 129 3.00 12.01 27.68
CA CYS C 129 2.35 10.77 28.12
C CYS C 129 2.98 10.23 29.40
N GLY C 130 4.31 10.33 29.52
CA GLY C 130 4.98 9.88 30.73
C GLY C 130 4.83 10.80 31.91
N SER C 131 4.17 11.95 31.75
CA SER C 131 3.97 12.92 32.81
C SER C 131 2.49 13.10 33.13
N GLN C 132 1.70 12.04 32.94
CA GLN C 132 0.27 12.02 33.26
C GLN C 132 -0.52 13.02 32.41
N VAL C 133 -0.04 13.30 31.21
CA VAL C 133 -0.79 14.08 30.22
C VAL C 133 -1.02 13.22 29.00
N PRO C 134 -2.09 12.42 28.96
CA PRO C 134 -2.31 11.52 27.83
C PRO C 134 -2.49 12.28 26.52
N VAL C 135 -1.79 11.81 25.49
CA VAL C 135 -1.87 12.38 24.15
C VAL C 135 -2.47 11.31 23.24
N GLU C 136 -3.57 11.65 22.56
CA GLU C 136 -4.23 10.76 21.63
C GLU C 136 -4.56 11.51 20.35
N VAL C 137 -4.83 10.74 19.30
CA VAL C 137 -5.24 11.30 18.01
C VAL C 137 -6.75 11.43 18.02
N MET C 138 -7.25 12.56 17.51
CA MET C 138 -8.69 12.78 17.47
C MET C 138 -9.36 11.78 16.54
N GLY C 139 -10.43 11.16 17.02
CA GLY C 139 -11.24 10.29 16.19
C GLY C 139 -12.67 10.80 16.09
N LEU C 140 -13.59 9.94 15.69
CA LEU C 140 -14.98 10.37 15.55
C LEU C 140 -15.57 10.95 16.84
N PRO C 141 -15.37 10.35 18.04
CA PRO C 141 -15.95 10.97 19.24
C PRO C 141 -15.41 12.37 19.52
N GLU C 142 -14.11 12.59 19.32
CA GLU C 142 -13.53 13.89 19.61
C GLU C 142 -13.96 14.93 18.59
N PHE C 143 -13.94 14.57 17.30
CA PHE C 143 -14.41 15.50 16.27
C PHE C 143 -15.88 15.85 16.48
N THR C 144 -16.69 14.87 16.88
CA THR C 144 -18.11 15.13 17.11
C THR C 144 -18.30 16.04 18.33
N ASP C 145 -17.59 15.76 19.42
CA ASP C 145 -17.68 16.62 20.60
C ASP C 145 -17.18 18.03 20.29
N CYS C 146 -16.08 18.13 19.56
CA CYS C 146 -15.53 19.44 19.20
C CYS C 146 -16.49 20.20 18.29
N TRP C 147 -17.19 19.49 17.41
CA TRP C 147 -18.16 20.13 16.53
C TRP C 147 -19.35 20.66 17.31
N GLU C 148 -19.80 19.92 18.33
CA GLU C 148 -21.00 20.31 19.06
C GLU C 148 -20.75 21.47 20.02
N ASN C 149 -19.56 21.55 20.60
CA ASN C 149 -19.32 22.51 21.70
C ASN C 149 -18.58 23.76 21.27
N PHE C 150 -17.93 23.78 20.10
CA PHE C 150 -17.12 24.91 19.70
C PHE C 150 -17.55 25.55 18.39
N VAL C 151 -18.56 25.04 17.72
CA VAL C 151 -18.99 25.56 16.42
C VAL C 151 -20.28 26.35 16.59
N ASP C 152 -20.39 27.44 15.84
CA ASP C 152 -21.62 28.23 15.81
C ASP C 152 -22.62 27.50 14.92
N HIS C 153 -23.77 27.15 15.47
CA HIS C 153 -24.79 26.41 14.74
C HIS C 153 -25.95 27.28 14.30
N LYS C 154 -25.84 28.60 14.44
CA LYS C 154 -26.88 29.49 13.95
C LYS C 154 -26.96 29.43 12.42
N GLU C 155 -25.86 29.75 11.75
CA GLU C 155 -25.84 29.68 10.29
C GLU C 155 -25.57 28.24 9.85
N PRO C 156 -26.34 27.72 8.88
CA PRO C 156 -26.12 26.35 8.43
C PRO C 156 -24.83 26.22 7.64
N PRO C 157 -24.12 25.10 7.77
CA PRO C 157 -22.88 24.94 7.02
C PRO C 157 -23.13 24.65 5.55
N SER C 158 -22.11 24.93 4.74
CA SER C 158 -22.19 24.62 3.31
C SER C 158 -22.07 23.13 3.06
N PHE C 159 -21.40 22.41 3.96
CA PHE C 159 -21.22 20.97 3.86
C PHE C 159 -22.20 20.23 4.75
N ASN C 160 -22.28 18.91 4.54
CA ASN C 160 -23.09 18.06 5.41
C ASN C 160 -22.29 17.71 6.65
N PRO C 161 -22.76 18.08 7.85
CA PRO C 161 -21.97 17.81 9.05
C PRO C 161 -21.75 16.33 9.33
N SER C 162 -22.71 15.47 9.01
CA SER C 162 -22.54 14.03 9.25
C SER C 162 -21.49 13.45 8.30
N GLU C 163 -21.48 13.90 7.05
CA GLU C 163 -20.47 13.41 6.10
C GLU C 163 -19.10 13.94 6.45
N LYS C 164 -19.01 15.18 6.93
CA LYS C 164 -17.72 15.77 7.26
C LYS C 164 -17.07 15.04 8.43
N LEU C 165 -17.86 14.72 9.46
CA LEU C 165 -17.30 14.02 10.62
C LEU C 165 -16.87 12.60 10.27
N LYS C 166 -17.57 11.95 9.34
CA LYS C 166 -17.17 10.62 8.91
C LYS C 166 -15.87 10.66 8.12
N GLU C 167 -15.66 11.72 7.32
CA GLU C 167 -14.41 11.87 6.58
C GLU C 167 -13.23 12.04 7.53
N LEU C 168 -13.40 12.90 8.55
CA LEU C 168 -12.32 13.13 9.50
C LEU C 168 -11.96 11.86 10.24
N ASP C 169 -12.97 11.05 10.59
CA ASP C 169 -12.70 9.80 11.29
C ASP C 169 -11.97 8.81 10.39
N LYS C 170 -12.31 8.76 9.09
CA LYS C 170 -11.62 7.85 8.19
C LYS C 170 -10.14 8.21 8.05
N ASN C 171 -9.86 9.50 7.89
CA ASN C 171 -8.48 9.95 7.77
C ASN C 171 -7.70 9.78 9.06
N SER C 172 -8.38 9.71 10.20
CA SER C 172 -7.71 9.62 11.49
C SER C 172 -7.11 8.24 11.74
N GLN C 173 -7.56 7.22 11.01
CA GLN C 173 -7.12 5.86 11.30
C GLN C 173 -5.62 5.68 11.04
N ALA C 174 -5.12 6.23 9.93
CA ALA C 174 -3.70 6.15 9.66
C ALA C 174 -2.89 7.02 10.63
N ILE C 175 -3.49 8.09 11.15
CA ILE C 175 -2.79 8.94 12.10
C ILE C 175 -2.74 8.29 13.47
N LYS C 176 -3.86 7.69 13.90
CA LYS C 176 -3.85 6.91 15.13
C LYS C 176 -2.82 5.78 15.03
N ARG C 177 -2.78 5.12 13.87
CA ARG C 177 -1.80 4.06 13.63
C ARG C 177 -0.37 4.58 13.77
N ARG C 178 -0.12 5.79 13.28
CA ARG C 178 1.23 6.35 13.33
C ARG C 178 1.63 6.65 14.77
N LEU C 179 0.71 7.15 15.59
CA LEU C 179 1.04 7.46 16.98
C LEU C 179 1.34 6.19 17.78
N GLU C 180 0.67 5.09 17.47
CA GLU C 180 0.95 3.83 18.16
C GLU C 180 2.33 3.29 17.83
N ARG C 181 2.80 3.51 16.59
CA ARG C 181 4.16 3.14 16.25
C ARG C 181 5.16 3.97 17.03
N ILE C 182 4.87 5.26 17.21
CA ILE C 182 5.77 6.14 17.96
C ILE C 182 5.87 5.67 19.42
N LYS C 183 4.73 5.29 20.01
CA LYS C 183 4.72 4.83 21.39
C LYS C 183 5.32 3.45 21.56
N SER C 184 5.29 2.62 20.51
CA SER C 184 5.80 1.25 20.63
C SER C 184 7.31 1.18 20.45
N ARG C 185 7.89 2.03 19.60
CA ARG C 185 9.33 1.98 19.39
C ARG C 185 10.12 2.40 20.62
N SER C 186 9.46 3.03 21.60
CA SER C 186 10.12 3.43 22.84
C SER C 186 10.31 2.20 23.70
N VAL C 187 11.49 1.59 23.62
CA VAL C 187 11.80 0.40 24.39
C VAL C 187 13.08 0.60 25.18
N ALA D 4 22.68 30.27 -26.02
CA ALA D 4 22.81 29.19 -26.98
C ALA D 4 22.67 27.83 -26.31
N LEU D 5 23.50 27.59 -25.30
CA LEU D 5 23.51 26.34 -24.57
C LEU D 5 22.91 26.52 -23.18
N LEU D 6 22.47 25.40 -22.60
CA LEU D 6 21.93 25.40 -21.25
C LEU D 6 23.06 25.32 -20.23
N THR D 7 22.87 25.98 -19.10
CA THR D 7 23.75 25.74 -17.97
C THR D 7 23.46 24.36 -17.38
N ALA D 8 24.47 23.80 -16.71
CA ALA D 8 24.29 22.52 -16.05
C ALA D 8 23.22 22.60 -14.97
N LYS D 9 23.11 23.76 -14.32
CA LYS D 9 22.09 23.95 -13.30
C LYS D 9 20.69 23.94 -13.91
N THR D 10 20.51 24.60 -15.06
CA THR D 10 19.21 24.60 -15.73
C THR D 10 18.84 23.19 -16.18
N PHE D 11 19.82 22.43 -16.67
CA PHE D 11 19.57 21.05 -17.05
C PHE D 11 19.09 20.22 -15.87
N SER D 12 19.81 20.30 -14.75
CA SER D 12 19.45 19.51 -13.57
C SER D 12 18.07 19.89 -13.05
N LEU D 13 17.78 21.19 -12.97
CA LEU D 13 16.52 21.63 -12.38
C LEU D 13 15.34 21.36 -13.31
N GLN D 14 15.50 21.63 -14.62
CA GLN D 14 14.35 21.57 -15.51
C GLN D 14 14.06 20.15 -16.01
N PHE D 15 15.09 19.32 -16.16
CA PHE D 15 14.86 17.93 -16.55
C PHE D 15 14.61 17.03 -15.35
N ASN D 16 14.69 17.57 -14.13
CA ASN D 16 14.40 16.85 -12.90
C ASN D 16 13.13 16.04 -13.05
N ASN D 17 13.22 14.72 -12.87
N ASN D 17 13.26 14.74 -12.79
CA ASN D 17 12.07 13.86 -13.13
CA ASN D 17 12.27 13.73 -13.10
C ASN D 17 11.56 13.17 -11.87
C ASN D 17 11.55 13.19 -11.87
N LYS D 18 11.84 13.72 -10.69
CA LYS D 18 11.24 13.20 -9.47
C LYS D 18 9.74 13.40 -9.49
N ARG D 19 9.03 12.54 -8.76
CA ARG D 19 7.57 12.63 -8.71
C ARG D 19 7.12 13.99 -8.18
N ARG D 20 7.88 14.56 -7.24
CA ARG D 20 7.52 15.82 -6.61
C ARG D 20 8.79 16.61 -6.33
N VAL D 21 8.77 17.91 -6.66
CA VAL D 21 9.91 18.76 -6.40
C VAL D 21 10.17 18.83 -4.90
N ASN D 22 11.44 18.75 -4.53
CA ASN D 22 11.84 18.89 -3.14
C ASN D 22 12.04 20.37 -2.79
N LYS D 23 12.04 20.63 -1.49
CA LYS D 23 12.28 21.97 -0.97
C LYS D 23 13.77 22.33 -1.11
N PRO D 24 14.07 23.58 -1.50
CA PRO D 24 13.11 24.65 -1.80
C PRO D 24 12.43 24.48 -3.15
N TYR D 25 11.14 24.81 -3.20
CA TYR D 25 10.35 24.55 -4.39
C TYR D 25 10.67 25.56 -5.49
N TYR D 26 10.61 25.09 -6.74
CA TYR D 26 10.86 25.91 -7.91
C TYR D 26 10.01 25.37 -9.04
N PRO D 27 9.62 26.22 -9.99
CA PRO D 27 8.76 25.75 -11.10
C PRO D 27 9.55 24.92 -12.10
N ARG D 28 9.00 23.76 -12.44
CA ARG D 28 9.53 22.93 -13.52
C ARG D 28 8.78 23.31 -14.79
N LYS D 29 9.39 24.15 -15.62
CA LYS D 29 8.74 24.70 -16.80
C LYS D 29 8.95 23.80 -18.01
N ALA D 30 8.12 24.03 -19.03
CA ALA D 30 8.24 23.29 -20.28
C ALA D 30 9.51 23.72 -21.01
N LEU D 31 10.40 22.77 -21.25
CA LEU D 31 11.64 23.01 -21.99
C LEU D 31 11.69 22.03 -23.16
N LEU D 32 12.05 22.53 -24.34
CA LEU D 32 12.13 21.72 -25.54
C LEU D 32 13.53 21.84 -26.13
N CYS D 33 14.24 20.72 -26.23
CA CYS D 33 15.52 20.64 -26.92
C CYS D 33 15.35 19.79 -28.17
N TYR D 34 15.68 20.35 -29.33
CA TYR D 34 15.52 19.65 -30.59
C TYR D 34 16.85 19.54 -31.33
N GLN D 35 16.97 18.48 -32.13
CA GLN D 35 18.14 18.26 -32.97
C GLN D 35 17.66 17.89 -34.36
N LEU D 36 18.05 18.67 -35.36
CA LEU D 36 17.65 18.44 -36.75
C LEU D 36 18.83 17.81 -37.49
N THR D 37 18.65 16.57 -37.93
CA THR D 37 19.73 15.82 -38.58
C THR D 37 19.36 15.49 -40.02
N PRO D 38 19.93 16.17 -41.00
CA PRO D 38 19.65 15.83 -42.40
C PRO D 38 20.24 14.49 -42.78
N GLN D 39 19.59 13.82 -43.74
CA GLN D 39 20.02 12.49 -44.15
C GLN D 39 21.35 12.51 -44.89
N ASN D 40 21.65 13.59 -45.63
CA ASN D 40 22.86 13.64 -46.43
C ASN D 40 24.12 13.77 -45.59
N GLY D 41 24.01 13.99 -44.28
CA GLY D 41 25.16 14.07 -43.42
C GLY D 41 25.67 15.47 -43.14
N SER D 42 24.87 16.50 -43.41
CA SER D 42 25.28 17.86 -43.14
C SER D 42 25.38 18.11 -41.64
N THR D 43 25.88 19.30 -41.28
CA THR D 43 26.03 19.66 -39.88
C THR D 43 24.66 19.74 -39.21
N PRO D 44 24.43 18.99 -38.14
CA PRO D 44 23.12 19.04 -37.47
C PRO D 44 22.85 20.38 -36.82
N THR D 45 21.59 20.77 -36.82
CA THR D 45 21.13 21.99 -36.17
C THR D 45 20.44 21.65 -34.85
N ARG D 46 20.84 22.34 -33.78
CA ARG D 46 20.26 22.12 -32.46
C ARG D 46 19.83 23.45 -31.86
N GLY D 47 18.87 23.39 -30.95
CA GLY D 47 18.38 24.57 -30.26
C GLY D 47 17.41 24.16 -29.17
N HIS D 48 17.07 25.13 -28.32
CA HIS D 48 16.13 24.88 -27.24
C HIS D 48 15.12 26.02 -27.15
N LEU D 49 13.92 25.70 -26.66
CA LEU D 49 12.81 26.63 -26.58
C LEU D 49 12.06 26.50 -25.26
N ILE D 50 11.48 27.62 -24.83
CA ILE D 50 10.73 27.74 -23.58
C ILE D 50 9.36 28.28 -23.93
N ASN D 51 8.34 27.82 -23.18
CA ASN D 51 6.98 28.32 -23.31
C ASN D 51 6.92 29.84 -23.22
N LYS D 52 5.84 30.43 -23.76
CA LYS D 52 5.60 31.85 -23.63
C LYS D 52 4.22 32.08 -23.02
N LYS D 53 3.74 33.33 -23.05
CA LYS D 53 2.47 33.65 -22.41
C LYS D 53 1.28 33.09 -23.17
N GLU D 54 1.43 32.76 -24.45
CA GLU D 54 0.35 32.18 -25.23
C GLU D 54 0.75 30.91 -25.96
N ASP D 55 1.94 30.87 -26.55
CA ASP D 55 2.39 29.73 -27.35
C ASP D 55 3.25 28.81 -26.49
N HIS D 56 2.86 27.55 -26.40
CA HIS D 56 3.73 26.55 -25.78
C HIS D 56 4.96 26.31 -26.64
N ALA D 57 5.94 25.61 -26.06
CA ALA D 57 7.21 25.39 -26.75
C ALA D 57 7.06 24.56 -28.02
N GLU D 58 6.07 23.66 -28.07
CA GLU D 58 5.90 22.85 -29.27
C GLU D 58 5.45 23.70 -30.44
N ILE D 59 4.57 24.68 -30.21
CA ILE D 59 4.16 25.58 -31.29
C ILE D 59 5.32 26.43 -31.75
N ARG D 60 6.12 26.94 -30.81
CA ARG D 60 7.32 27.69 -31.17
C ARG D 60 8.28 26.82 -31.98
N PHE D 61 8.36 25.53 -31.63
CA PHE D 61 9.21 24.60 -32.36
C PHE D 61 8.74 24.42 -33.81
N ILE D 62 7.42 24.33 -34.00
CA ILE D 62 6.88 24.20 -35.37
C ILE D 62 7.24 25.41 -36.21
N ASN D 63 7.03 26.61 -35.66
CA ASN D 63 7.33 27.83 -36.41
C ASN D 63 8.83 28.03 -36.61
N GLU D 64 9.64 27.54 -35.68
CA GLU D 64 11.09 27.62 -35.85
C GLU D 64 11.55 26.72 -37.00
N ILE D 65 10.98 25.51 -37.10
CA ILE D 65 11.32 24.63 -38.20
C ILE D 65 10.92 25.25 -39.53
N LYS D 66 9.71 25.82 -39.58
CA LYS D 66 9.26 26.46 -40.82
C LYS D 66 10.14 27.63 -41.20
N SER D 67 10.67 28.36 -40.21
CA SER D 67 11.50 29.52 -40.47
C SER D 67 12.88 29.16 -41.04
N MET D 68 13.27 27.90 -40.97
CA MET D 68 14.57 27.50 -41.53
C MET D 68 14.54 27.40 -43.05
N GLY D 69 13.36 27.35 -43.66
CA GLY D 69 13.25 27.24 -45.10
C GLY D 69 13.93 25.99 -45.65
N LEU D 70 13.60 24.85 -45.07
CA LEU D 70 14.25 23.59 -45.44
C LEU D 70 13.98 23.24 -46.89
N ASP D 71 14.96 22.57 -47.50
CA ASP D 71 14.78 22.00 -48.83
C ASP D 71 13.84 20.81 -48.71
N GLU D 72 12.65 20.93 -49.29
CA GLU D 72 11.63 19.89 -49.14
C GLU D 72 11.89 18.66 -50.01
N THR D 73 12.91 18.69 -50.86
CA THR D 73 13.29 17.49 -51.59
C THR D 73 14.23 16.60 -50.78
N GLN D 74 14.72 17.08 -49.65
CA GLN D 74 15.54 16.29 -48.75
C GLN D 74 14.70 15.62 -47.66
N CSD D 75 15.36 14.77 -46.88
CA CSD D 75 14.75 14.16 -45.72
CB CSD D 75 14.61 12.64 -45.84
SG CSD D 75 13.57 12.12 -47.09
C CSD D 75 15.52 14.52 -44.46
O CSD D 75 16.74 14.66 -44.42
OD1 CSD D 75 12.44 12.95 -47.21
OD2 CSD D 75 13.38 10.73 -46.97
N TYR D 76 14.76 14.69 -43.38
CA TYR D 76 15.35 15.09 -42.11
C TYR D 76 14.84 14.24 -40.94
N GLN D 77 15.76 13.87 -40.06
CA GLN D 77 15.41 13.26 -38.78
C GLN D 77 15.38 14.33 -37.72
N VAL D 78 14.28 14.41 -36.98
CA VAL D 78 14.10 15.41 -35.93
C VAL D 78 13.90 14.68 -34.61
N THR D 79 14.73 14.99 -33.62
CA THR D 79 14.62 14.43 -32.29
C THR D 79 14.32 15.57 -31.32
N CYS D 80 13.23 15.42 -30.57
N CYS D 80 13.27 15.39 -30.51
CA CYS D 80 12.80 16.41 -29.59
CA CYS D 80 12.78 16.42 -29.59
C CYS D 80 12.90 15.81 -28.20
C CYS D 80 12.79 15.88 -28.17
N TYR D 81 13.50 16.57 -27.28
CA TYR D 81 13.56 16.22 -25.87
C TYR D 81 12.71 17.23 -25.09
N LEU D 82 11.63 16.74 -24.49
CA LEU D 82 10.71 17.57 -23.74
C LEU D 82 10.83 17.27 -22.25
N THR D 83 10.77 18.32 -21.43
CA THR D 83 10.69 18.12 -19.99
C THR D 83 9.29 17.67 -19.58
N TRP D 84 8.27 18.28 -20.18
CA TRP D 84 6.88 17.83 -20.06
C TRP D 84 6.43 17.29 -21.42
N SER D 85 5.72 16.15 -21.38
CA SER D 85 5.12 15.63 -22.59
C SER D 85 4.06 16.61 -23.10
N PRO D 86 3.70 16.53 -24.39
CA PRO D 86 2.86 17.58 -24.97
C PRO D 86 1.43 17.56 -24.42
N CYS D 87 0.82 18.75 -24.40
CA CYS D 87 -0.59 18.90 -24.13
C CYS D 87 -1.37 18.43 -25.35
N PRO D 88 -2.69 18.23 -25.21
CA PRO D 88 -3.47 17.74 -26.37
C PRO D 88 -3.45 18.69 -27.56
N SER D 89 -3.48 20.01 -27.31
CA SER D 89 -3.48 20.96 -28.41
C SER D 89 -2.17 20.92 -29.20
N CYS D 90 -1.05 20.84 -28.50
CA CYS D 90 0.24 20.75 -29.19
C CYS D 90 0.38 19.42 -29.92
N ALA D 91 -0.16 18.33 -29.36
CA ALA D 91 -0.11 17.04 -30.02
C ALA D 91 -0.84 17.08 -31.36
N GLY D 92 -2.02 17.69 -31.40
CA GLY D 92 -2.74 17.81 -32.65
C GLY D 92 -2.01 18.69 -33.65
N GLU D 93 -1.39 19.76 -33.17
CA GLU D 93 -0.64 20.64 -34.06
C GLU D 93 0.62 19.96 -34.59
N LEU D 94 1.30 19.19 -33.74
CA LEU D 94 2.47 18.44 -34.19
C LEU D 94 2.08 17.40 -35.25
N VAL D 95 0.93 16.74 -35.06
CA VAL D 95 0.48 15.75 -36.03
C VAL D 95 0.15 16.41 -37.37
N ASP D 96 -0.62 17.51 -37.34
CA ASP D 96 -0.96 18.20 -38.57
C ASP D 96 0.29 18.71 -39.28
N PHE D 97 1.28 19.16 -38.51
CA PHE D 97 2.52 19.64 -39.11
C PHE D 97 3.31 18.52 -39.77
N ILE D 98 3.40 17.37 -39.10
CA ILE D 98 4.23 16.29 -39.63
C ILE D 98 3.57 15.63 -40.83
N LYS D 99 2.23 15.53 -40.83
CA LYS D 99 1.53 14.95 -41.97
C LYS D 99 1.64 15.82 -43.21
N ALA D 100 1.71 17.14 -43.04
CA ALA D 100 1.89 18.04 -44.17
C ALA D 100 3.35 18.19 -44.57
N HIS D 101 4.28 17.79 -43.70
CA HIS D 101 5.71 17.91 -43.97
C HIS D 101 6.38 16.54 -43.82
N ARG D 102 5.98 15.59 -44.67
CA ARG D 102 6.49 14.23 -44.57
C ARG D 102 7.96 14.12 -44.95
N HIS D 103 8.62 15.20 -45.34
CA HIS D 103 10.08 15.16 -45.45
C HIS D 103 10.76 15.17 -44.10
N LEU D 104 9.99 15.25 -43.01
CA LEU D 104 10.51 15.23 -41.65
C LEU D 104 10.06 13.96 -40.94
N ASN D 105 10.97 13.35 -40.20
CA ASN D 105 10.65 12.24 -39.31
C ASN D 105 10.89 12.71 -37.88
N LEU D 106 9.85 12.67 -37.06
CA LEU D 106 9.87 13.28 -35.73
C LEU D 106 9.82 12.19 -34.66
N ARG D 107 10.76 12.26 -33.72
CA ARG D 107 10.79 11.41 -32.55
C ARG D 107 10.73 12.30 -31.31
N ILE D 108 9.92 11.91 -30.33
CA ILE D 108 9.72 12.70 -29.12
C ILE D 108 10.11 11.86 -27.90
N PHE D 109 11.00 12.40 -27.08
CA PHE D 109 11.33 11.82 -25.78
C PHE D 109 10.96 12.83 -24.69
N ALA D 110 10.23 12.36 -23.69
CA ALA D 110 9.77 13.20 -22.60
C ALA D 110 10.41 12.76 -21.29
N SER D 111 10.83 13.73 -20.49
CA SER D 111 11.33 13.41 -19.15
C SER D 111 10.17 13.04 -18.23
N ARG D 112 9.12 13.86 -18.21
CA ARG D 112 7.96 13.62 -17.37
C ARG D 112 6.71 13.56 -18.24
N LEU D 113 5.70 12.86 -17.74
CA LEU D 113 4.43 12.68 -18.44
C LEU D 113 3.44 13.72 -17.91
N TYR D 114 3.09 14.67 -18.75
CA TYR D 114 2.30 15.83 -18.35
C TYR D 114 0.83 15.42 -18.24
N TYR D 115 0.31 15.47 -17.01
CA TYR D 115 -1.08 15.09 -16.72
C TYR D 115 -1.43 13.73 -17.30
N HIS D 116 -0.56 12.76 -17.04
CA HIS D 116 -0.72 11.41 -17.59
C HIS D 116 -1.95 10.68 -17.06
N TRP D 117 -2.55 11.18 -15.98
CA TRP D 117 -3.78 10.59 -15.45
C TRP D 117 -5.03 11.15 -16.12
N HIS D 118 -4.88 12.14 -16.99
CA HIS D 118 -6.04 12.77 -17.61
C HIS D 118 -6.31 12.16 -18.98
N PRO D 119 -7.55 11.76 -19.26
CA PRO D 119 -7.83 11.08 -20.54
C PRO D 119 -7.52 11.92 -21.77
N ASN D 120 -7.72 13.24 -21.72
CA ASN D 120 -7.44 14.05 -22.90
C ASN D 120 -5.94 14.10 -23.19
N TYR D 121 -5.11 14.15 -22.15
CA TYR D 121 -3.67 14.15 -22.35
C TYR D 121 -3.16 12.80 -22.82
N GLN D 122 -3.79 11.71 -22.34
CA GLN D 122 -3.41 10.38 -22.82
C GLN D 122 -3.71 10.22 -24.31
N GLU D 123 -4.89 10.68 -24.75
CA GLU D 123 -5.24 10.59 -26.16
C GLU D 123 -4.26 11.37 -27.03
N GLY D 124 -3.76 12.51 -26.52
CA GLY D 124 -2.78 13.27 -27.28
C GLY D 124 -1.51 12.48 -27.53
N LEU D 125 -1.01 11.79 -26.50
CA LEU D 125 0.18 10.97 -26.68
C LEU D 125 -0.09 9.80 -27.62
N LEU D 126 -1.26 9.18 -27.51
CA LEU D 126 -1.60 8.09 -28.43
C LEU D 126 -1.79 8.59 -29.85
N LEU D 127 -2.29 9.81 -30.03
CA LEU D 127 -2.44 10.37 -31.37
C LEU D 127 -1.08 10.56 -32.03
N LEU D 128 -0.07 11.01 -31.27
CA LEU D 128 1.27 11.16 -31.82
C LEU D 128 1.85 9.80 -32.23
N CYS D 129 1.76 8.81 -31.34
CA CYS D 129 2.30 7.49 -31.65
C CYS D 129 1.61 6.87 -32.86
N GLY D 130 0.29 7.07 -32.98
CA GLY D 130 -0.44 6.54 -34.12
C GLY D 130 -0.24 7.28 -35.42
N SER D 131 0.52 8.39 -35.40
CA SER D 131 0.79 9.18 -36.59
C SER D 131 2.28 9.20 -36.91
N GLN D 132 2.99 8.12 -36.58
CA GLN D 132 4.41 7.95 -36.88
C GLN D 132 5.28 8.99 -36.17
N VAL D 133 4.84 9.48 -35.02
CA VAL D 133 5.67 10.30 -34.15
C VAL D 133 5.83 9.54 -32.85
N PRO D 134 6.80 8.62 -32.75
CA PRO D 134 6.94 7.81 -31.55
C PRO D 134 7.23 8.66 -30.33
N VAL D 135 6.54 8.38 -29.24
CA VAL D 135 6.71 9.07 -27.96
C VAL D 135 7.26 8.07 -26.97
N GLU D 136 8.41 8.39 -26.37
CA GLU D 136 9.03 7.54 -25.37
C GLU D 136 9.48 8.38 -24.18
N VAL D 137 9.73 7.72 -23.08
CA VAL D 137 10.22 8.37 -21.87
C VAL D 137 11.75 8.40 -21.93
N MET D 138 12.33 9.52 -21.53
CA MET D 138 13.78 9.66 -21.52
C MET D 138 14.41 8.71 -20.50
N GLY D 139 15.43 7.98 -20.94
CA GLY D 139 16.21 7.14 -20.05
C GLY D 139 17.66 7.58 -20.03
N LEU D 140 18.55 6.72 -19.54
CA LEU D 140 19.97 7.09 -19.47
C LEU D 140 20.56 7.48 -20.82
N PRO D 141 20.31 6.76 -21.94
CA PRO D 141 20.87 7.23 -23.22
C PRO D 141 20.35 8.59 -23.64
N GLU D 142 19.05 8.86 -23.45
CA GLU D 142 18.51 10.15 -23.86
C GLU D 142 18.99 11.28 -22.97
N PHE D 143 19.01 11.06 -21.65
CA PHE D 143 19.52 12.08 -20.74
C PHE D 143 20.99 12.38 -21.03
N THR D 144 21.77 11.36 -21.38
CA THR D 144 23.18 11.57 -21.68
C THR D 144 23.37 12.36 -22.97
N ASP D 145 22.61 12.01 -24.02
CA ASP D 145 22.72 12.73 -25.28
C ASP D 145 22.34 14.19 -25.11
N CYS D 146 21.31 14.47 -24.31
N CYS D 146 21.27 14.47 -24.35
CA CYS D 146 20.92 15.85 -24.06
CA CYS D 146 20.92 15.85 -24.02
C CYS D 146 21.99 16.60 -23.25
C CYS D 146 22.08 16.54 -23.33
N TRP D 147 22.59 15.92 -22.28
CA TRP D 147 23.64 16.55 -21.47
C TRP D 147 24.86 16.90 -22.32
N GLU D 148 25.22 16.03 -23.26
CA GLU D 148 26.42 16.27 -24.05
C GLU D 148 26.22 17.33 -25.13
N ASN D 149 25.02 17.43 -25.68
CA ASN D 149 24.80 18.27 -26.86
C ASN D 149 24.13 19.60 -26.58
N PHE D 150 23.49 19.77 -25.42
CA PHE D 150 22.72 20.98 -25.16
C PHE D 150 23.18 21.75 -23.93
N VAL D 151 24.17 21.25 -23.19
CA VAL D 151 24.65 21.89 -21.98
C VAL D 151 26.03 22.48 -22.23
N ASP D 152 26.29 23.64 -21.63
CA ASP D 152 27.61 24.27 -21.69
C ASP D 152 28.55 23.59 -20.71
N HIS D 153 29.67 23.06 -21.20
CA HIS D 153 30.63 22.36 -20.37
C HIS D 153 31.90 23.17 -20.12
N LYS D 154 31.93 24.44 -20.54
CA LYS D 154 33.13 25.25 -20.32
C LYS D 154 33.37 25.47 -18.83
N GLU D 155 32.32 25.60 -18.04
CA GLU D 155 32.42 25.69 -16.59
C GLU D 155 31.95 24.38 -15.97
N PRO D 156 32.70 23.83 -15.01
CA PRO D 156 32.29 22.55 -14.42
C PRO D 156 31.05 22.72 -13.57
N PRO D 157 30.18 21.71 -13.55
CA PRO D 157 28.96 21.81 -12.73
C PRO D 157 29.26 21.63 -11.25
N SER D 158 28.33 22.13 -10.43
CA SER D 158 28.47 21.97 -8.99
C SER D 158 28.24 20.53 -8.55
N PHE D 159 27.48 19.76 -9.33
CA PHE D 159 27.20 18.37 -9.05
C PHE D 159 28.07 17.46 -9.90
N ASN D 160 28.08 16.18 -9.57
CA ASN D 160 28.77 15.19 -10.39
C ASN D 160 27.88 14.77 -11.54
N PRO D 161 28.29 14.98 -12.79
CA PRO D 161 27.41 14.65 -13.92
C PRO D 161 27.06 13.17 -14.02
N SER D 162 27.99 12.28 -13.65
CA SER D 162 27.71 10.86 -13.72
C SER D 162 26.66 10.45 -12.70
N GLU D 163 26.69 11.06 -11.50
CA GLU D 163 25.68 10.76 -10.49
C GLU D 163 24.32 11.31 -10.87
N LYS D 164 24.29 12.50 -11.49
CA LYS D 164 23.01 13.09 -11.89
C LYS D 164 22.33 12.26 -12.96
N LEU D 165 23.08 11.78 -13.95
CA LEU D 165 22.47 10.99 -15.02
C LEU D 165 21.97 9.66 -14.50
N LYS D 166 22.65 9.09 -13.50
CA LYS D 166 22.18 7.85 -12.88
C LYS D 166 20.91 8.09 -12.08
N GLU D 167 20.82 9.25 -11.41
CA GLU D 167 19.60 9.59 -10.67
C GLU D 167 18.41 9.75 -11.60
N LEU D 168 18.61 10.47 -12.71
CA LEU D 168 17.52 10.67 -13.66
C LEU D 168 17.05 9.35 -14.25
N ASP D 169 17.99 8.44 -14.54
CA ASP D 169 17.62 7.14 -15.07
C ASP D 169 16.84 6.32 -14.03
N LYS D 170 17.21 6.44 -12.76
CA LYS D 170 16.51 5.73 -11.71
C LYS D 170 15.06 6.18 -11.60
N ASN D 171 14.82 7.50 -11.64
CA ASN D 171 13.47 8.02 -11.55
C ASN D 171 12.63 7.70 -12.78
N SER D 172 13.26 7.44 -13.92
CA SER D 172 12.54 7.21 -15.17
C SER D 172 11.88 5.84 -15.24
N GLN D 173 12.23 4.91 -14.37
N GLN D 173 12.26 4.90 -14.38
CA GLN D 173 11.68 3.56 -14.45
CA GLN D 173 11.68 3.56 -14.44
C GLN D 173 10.18 3.56 -14.18
C GLN D 173 10.17 3.61 -14.21
N ALA D 174 9.75 4.27 -13.13
CA ALA D 174 8.33 4.34 -12.83
C ALA D 174 7.56 5.11 -13.90
N ILE D 175 8.22 6.05 -14.57
CA ILE D 175 7.56 6.82 -15.61
C ILE D 175 7.43 6.02 -16.90
N LYS D 176 8.48 5.29 -17.29
CA LYS D 176 8.37 4.40 -18.44
C LYS D 176 7.26 3.38 -18.24
N ARG D 177 7.15 2.84 -17.02
CA ARG D 177 6.08 1.90 -16.72
C ARG D 177 4.71 2.55 -16.92
N ARG D 178 4.59 3.83 -16.54
CA ARG D 178 3.31 4.52 -16.67
C ARG D 178 2.93 4.72 -18.13
N LEU D 179 3.91 5.05 -18.98
CA LEU D 179 3.62 5.24 -20.40
C LEU D 179 3.21 3.93 -21.07
N GLU D 180 3.80 2.80 -20.64
CA GLU D 180 3.42 1.52 -21.21
C GLU D 180 1.99 1.14 -20.82
N ARG D 181 1.55 1.53 -19.63
CA ARG D 181 0.17 1.31 -19.24
C ARG D 181 -0.79 2.11 -20.12
N ILE D 182 -0.39 3.33 -20.47
CA ILE D 182 -1.24 4.17 -21.33
C ILE D 182 -1.33 3.58 -22.73
N LYS D 183 -0.21 3.08 -23.25
CA LYS D 183 -0.22 2.51 -24.60
C LYS D 183 -0.92 1.16 -24.67
N SER D 184 -1.05 0.46 -23.54
CA SER D 184 -1.60 -0.89 -23.58
C SER D 184 -3.10 -0.89 -23.84
N ARG D 185 -3.80 0.19 -23.49
CA ARG D 185 -5.22 0.28 -23.80
C ARG D 185 -5.43 0.61 -25.27
N SER D 186 -4.70 1.60 -25.79
CA SER D 186 -4.76 2.02 -27.19
C SER D 186 -6.19 2.30 -27.65
ZN ZN I . 13.67 -26.91 -11.47
ZN ZN J . -20.87 -20.35 17.08
ZN ZN K . 5.02 24.80 20.27
ZN ZN L . 0.91 22.58 -25.30
#